data_9HH6
#
_entry.id   9HH6
#
_cell.length_a   150.488
_cell.length_b   150.488
_cell.length_c   110.086
_cell.angle_alpha   90.00
_cell.angle_beta   90.00
_cell.angle_gamma   120.00
#
_symmetry.space_group_name_H-M   'P 63'
#
loop_
_entity.id
_entity.type
_entity.pdbx_description
1 polymer 'ORF1ab polyprotein'
2 polymer 'ORF1ab polyprotein'
3 non-polymer 6-[2-(dimethylamino)ethylamino]-3-oxidanyl-indeno[2,1-c]quinolin-7-one
4 non-polymer 'PHOSPHATE ION'
5 non-polymer 1,2-ETHANEDIOL
6 water water
#
loop_
_entity_poly.entity_id
_entity_poly.type
_entity_poly.pdbx_seq_one_letter_code
_entity_poly.pdbx_strand_id
1 'polypeptide(L)'
;HMSLENVAFNVVNKGHFDGQQGEVPVSIINNTVYTKVDGVDVELFENKTTLPVNVAFELWAKRNIKPVPEVKILNNLGVD
IAANTVIWDYKRDAPAHISTIGVCSMTDIAKKPTETICAPLTVFFDGRVDGQVDLFRNARNGVLITEGSVKGLQPSVGPK
QASLNGVTLIGEAVKTQFNYYKKVDGVVQQLPETYFTQSRNLQEFKPRSQMEIDFLELAMDEFIERYKLEGYAFEHIVYG
DFSHSQLGGLHLLIGLAKRFKESPFELEDFIPMDSTVKNYFITDAQTGSSKCVCSVIDLLLDDFVEIIKSQDLSVVSKVV
KVTIDYTEISFMLWCKDGHVETFYPKL
;
A
2 'polypeptide(L)'
;HMSLENVAFNVVNKGHFDGQQGEVPVSIINNTVYTKVDGVDVELFENKTTLPVNVAFELWAKRNIKPVPEVKILNNLGVD
IAANTVIWDYKRDAPAHISTIGVCSMTDIAKKPTETICAPLTVFFDGRVDGQVDLFRNARNGVLITEGSVKGLQPSVGPK
QASLNGVTLIGEAVKTQFNYYKKVDGVVQQLPETYFTQSRNLQEFKPRSQMEIDFLELAMDEFIERYKLEGYAFEHIVYG
DFSHSQLGGLHLLIGLAKRFKESPFELEDFIPMDSTVKNYFITDAQTGSSKCVCSVIDLLLDDFVEIIKSQDLSVVSKVV
KVTIDYTEISFMLWCKDGHVETFYP
;
B
#
# COMPACT_ATOMS: atom_id res chain seq x y z
N HIS A 1 -6.23 -6.13 23.24
CA HIS A 1 -7.47 -5.53 22.68
C HIS A 1 -7.14 -4.16 22.07
N MET A 2 -6.51 -4.20 20.90
CA MET A 2 -6.22 -3.02 20.11
C MET A 2 -7.50 -2.56 19.41
N SER A 3 -7.74 -1.25 19.41
CA SER A 3 -8.96 -0.70 18.83
C SER A 3 -8.87 0.81 18.72
N LEU A 4 -9.73 1.36 17.87
CA LEU A 4 -9.88 2.79 17.68
C LEU A 4 -10.12 3.45 19.03
N GLU A 5 -11.05 2.91 19.81
CA GLU A 5 -11.45 3.50 21.09
C GLU A 5 -10.32 3.43 22.11
N ASN A 6 -9.49 2.37 22.04
CA ASN A 6 -8.37 2.21 22.94
C ASN A 6 -7.26 3.18 22.56
N VAL A 7 -7.02 3.36 21.27
CA VAL A 7 -6.06 4.35 20.79
C VAL A 7 -6.47 5.72 21.31
N ALA A 8 -7.75 6.07 21.14
CA ALA A 8 -8.25 7.36 21.59
C ALA A 8 -8.10 7.51 23.10
N PHE A 9 -8.34 6.44 23.87
CA PHE A 9 -8.19 6.49 25.31
C PHE A 9 -6.75 6.86 25.66
N ASN A 10 -5.80 6.23 24.96
CA ASN A 10 -4.39 6.49 25.20
C ASN A 10 -4.05 7.94 24.89
N VAL A 11 -4.54 8.45 23.75
CA VAL A 11 -4.25 9.82 23.34
C VAL A 11 -4.77 10.79 24.39
N VAL A 12 -6.03 10.59 24.83
CA VAL A 12 -6.65 11.45 25.83
C VAL A 12 -5.87 11.39 27.15
N ASN A 13 -5.47 10.20 27.60
CA ASN A 13 -4.95 10.04 28.95
C ASN A 13 -3.43 10.13 29.03
N LYS A 14 -2.73 9.82 27.95
CA LYS A 14 -1.27 9.67 28.00
C LYS A 14 -0.58 10.54 26.95
N GLY A 15 -1.35 11.20 26.07
CA GLY A 15 -0.80 12.11 25.08
C GLY A 15 -0.35 11.41 23.79
N HIS A 16 -0.34 10.07 23.80
CA HIS A 16 0.13 9.26 22.69
C HIS A 16 -0.20 7.82 23.09
N PHE A 17 0.00 6.86 22.18
CA PHE A 17 -0.25 5.47 22.50
C PHE A 17 0.83 4.99 23.45
N ASP A 18 0.40 4.42 24.58
CA ASP A 18 1.31 3.97 25.63
C ASP A 18 0.88 2.60 26.18
N GLY A 19 0.07 1.85 25.43
CA GLY A 19 -0.25 0.48 25.80
C GLY A 19 -1.21 0.35 26.99
N GLN A 20 -1.89 1.42 27.39
CA GLN A 20 -2.84 1.36 28.49
C GLN A 20 -4.17 0.78 28.03
N GLN A 21 -4.82 0.06 28.95
CA GLN A 21 -6.15 -0.49 28.73
C GLN A 21 -7.18 0.61 28.96
N GLY A 22 -8.28 0.56 28.22
CA GLY A 22 -9.36 1.54 28.35
C GLY A 22 -9.95 1.93 27.01
N GLU A 23 -11.13 2.56 27.05
CA GLU A 23 -11.83 2.99 25.85
C GLU A 23 -12.53 4.31 26.14
N VAL A 24 -12.56 5.19 25.14
CA VAL A 24 -13.42 6.36 25.17
C VAL A 24 -14.33 6.32 23.95
N PRO A 25 -15.47 7.04 23.98
CA PRO A 25 -16.36 7.13 22.82
C PRO A 25 -15.75 7.97 21.70
N VAL A 26 -15.85 7.49 20.46
CA VAL A 26 -15.23 8.13 19.30
C VAL A 26 -16.26 8.31 18.20
N SER A 27 -16.17 9.44 17.48
CA SER A 27 -16.91 9.72 16.25
C SER A 27 -15.90 9.98 15.14
N ILE A 28 -16.14 9.41 13.96
CA ILE A 28 -15.36 9.71 12.78
C ILE A 28 -16.27 10.40 11.77
N ILE A 29 -15.87 11.59 11.32
N ILE A 29 -15.83 11.61 11.35
CA ILE A 29 -16.61 12.27 10.27
CA ILE A 29 -16.43 12.42 10.29
C ILE A 29 -15.60 12.86 9.29
C ILE A 29 -15.33 13.27 9.65
N ASN A 30 -15.74 12.41 8.04
N ASN A 30 -15.51 13.62 8.36
CA ASN A 30 -14.79 12.71 6.98
CA ASN A 30 -14.76 14.68 7.71
C ASN A 30 -13.42 12.25 7.43
C ASN A 30 -13.24 14.49 7.83
N ASN A 31 -12.48 13.20 7.57
N ASN A 31 -12.77 13.23 7.72
CA ASN A 31 -11.11 12.85 7.87
CA ASN A 31 -11.36 12.88 7.85
C ASN A 31 -10.76 13.26 9.30
C ASN A 31 -10.83 13.28 9.24
N THR A 32 -11.74 13.37 10.20
CA THR A 32 -11.46 13.84 11.55
C THR A 32 -11.95 12.82 12.58
N VAL A 33 -11.13 12.64 13.62
CA VAL A 33 -11.47 11.80 14.76
C VAL A 33 -11.85 12.71 15.93
N TYR A 34 -13.03 12.45 16.51
CA TYR A 34 -13.51 13.16 17.67
C TYR A 34 -13.72 12.16 18.81
N THR A 35 -13.65 12.68 20.04
CA THR A 35 -14.06 11.93 21.22
C THR A 35 -15.08 12.76 21.98
N LYS A 36 -15.95 12.08 22.73
CA LYS A 36 -16.99 12.76 23.47
C LYS A 36 -16.44 13.09 24.85
N VAL A 37 -16.50 14.38 25.21
CA VAL A 37 -16.14 14.84 26.54
C VAL A 37 -17.30 15.65 27.10
N ASP A 38 -17.94 15.13 28.16
CA ASP A 38 -19.03 15.81 28.83
C ASP A 38 -20.12 16.24 27.86
N GLY A 39 -20.50 15.34 26.95
CA GLY A 39 -21.66 15.55 26.09
C GLY A 39 -21.34 16.29 24.78
N VAL A 40 -20.08 16.70 24.54
CA VAL A 40 -19.75 17.38 23.30
C VAL A 40 -18.50 16.74 22.67
N ASP A 41 -18.37 16.94 21.35
CA ASP A 41 -17.34 16.32 20.55
C ASP A 41 -16.10 17.21 20.50
N VAL A 42 -14.95 16.60 20.80
CA VAL A 42 -13.67 17.28 20.78
C VAL A 42 -12.78 16.62 19.75
N GLU A 43 -12.17 17.42 18.87
CA GLU A 43 -11.27 16.90 17.85
C GLU A 43 -9.98 16.36 18.46
N LEU A 44 -9.60 15.12 18.10
CA LEU A 44 -8.33 14.53 18.50
C LEU A 44 -7.33 14.49 17.35
N PHE A 45 -7.80 14.42 16.11
CA PHE A 45 -6.91 14.18 14.99
C PHE A 45 -7.59 14.56 13.68
N GLU A 46 -6.89 15.32 12.84
CA GLU A 46 -7.31 15.58 11.48
C GLU A 46 -6.34 14.87 10.53
N ASN A 47 -6.90 13.99 9.71
CA ASN A 47 -6.10 13.20 8.80
C ASN A 47 -5.67 14.05 7.61
N LYS A 48 -4.36 14.19 7.42
CA LYS A 48 -3.80 14.87 6.25
C LYS A 48 -3.03 13.87 5.38
N THR A 49 -3.14 12.57 5.68
CA THR A 49 -2.41 11.53 4.95
C THR A 49 -3.27 10.97 3.83
N THR A 50 -2.70 10.06 3.04
CA THR A 50 -3.46 9.33 2.02
C THR A 50 -3.93 7.97 2.51
N LEU A 51 -3.79 7.70 3.82
CA LEU A 51 -4.31 6.51 4.46
C LEU A 51 -5.72 6.76 5.00
N PRO A 52 -6.50 5.70 5.28
CA PRO A 52 -7.78 5.85 5.99
C PRO A 52 -7.60 6.57 7.32
N VAL A 53 -8.56 7.43 7.66
CA VAL A 53 -8.51 8.29 8.83
C VAL A 53 -8.16 7.50 10.10
N ASN A 54 -8.79 6.35 10.33
CA ASN A 54 -8.62 5.64 11.58
C ASN A 54 -7.24 4.96 11.65
N VAL A 55 -6.67 4.64 10.48
CA VAL A 55 -5.36 4.02 10.39
C VAL A 55 -4.28 5.07 10.62
N ALA A 56 -4.38 6.22 9.94
CA ALA A 56 -3.50 7.36 10.15
C ALA A 56 -3.48 7.77 11.61
N PHE A 57 -4.66 7.78 12.24
CA PHE A 57 -4.79 8.13 13.66
C PHE A 57 -3.94 7.22 14.53
N GLU A 58 -4.04 5.91 14.30
CA GLU A 58 -3.30 4.93 15.07
C GLU A 58 -1.79 5.08 14.86
N LEU A 59 -1.37 5.25 13.60
CA LEU A 59 0.06 5.40 13.31
C LEU A 59 0.59 6.65 14.00
N TRP A 60 -0.16 7.75 13.93
CA TRP A 60 0.25 8.96 14.59
C TRP A 60 0.36 8.74 16.10
N ALA A 61 -0.64 8.09 16.71
CA ALA A 61 -0.61 7.83 18.14
C ALA A 61 0.61 6.98 18.50
N LYS A 62 1.03 6.10 17.59
CA LYS A 62 2.15 5.19 17.85
C LYS A 62 3.49 5.74 17.35
N ARG A 63 3.55 7.04 17.06
CA ARG A 63 4.77 7.67 16.58
C ARG A 63 5.88 7.58 17.62
N ASN A 64 7.11 7.52 17.12
CA ASN A 64 8.29 7.55 17.97
C ASN A 64 8.41 8.92 18.63
N ILE A 65 8.44 8.94 19.97
CA ILE A 65 8.49 10.19 20.72
C ILE A 65 9.88 10.39 21.34
N LYS A 66 10.88 9.63 20.88
CA LYS A 66 12.26 9.89 21.22
C LYS A 66 12.91 10.67 20.09
N PRO A 67 14.09 11.29 20.28
CA PRO A 67 14.81 11.87 19.16
C PRO A 67 15.08 10.79 18.12
N VAL A 68 14.75 11.10 16.87
CA VAL A 68 14.94 10.18 15.77
C VAL A 68 15.59 10.95 14.63
N PRO A 69 16.29 10.26 13.70
CA PRO A 69 16.87 10.91 12.54
C PRO A 69 15.82 11.71 11.77
N GLU A 70 16.21 12.88 11.26
CA GLU A 70 15.35 13.59 10.32
C GLU A 70 15.05 12.70 9.13
N VAL A 71 13.85 12.86 8.58
CA VAL A 71 13.38 12.02 7.50
C VAL A 71 14.30 12.12 6.28
N LYS A 72 14.82 13.31 5.98
CA LYS A 72 15.73 13.49 4.85
C LYS A 72 16.93 12.53 4.96
N ILE A 73 17.46 12.31 6.18
CA ILE A 73 18.56 11.38 6.39
C ILE A 73 18.12 9.95 6.07
N LEU A 74 16.99 9.52 6.62
CA LEU A 74 16.48 8.18 6.40
C LEU A 74 16.23 7.95 4.92
N ASN A 75 15.61 8.92 4.24
CA ASN A 75 15.37 8.83 2.82
C ASN A 75 16.69 8.69 2.05
N ASN A 76 17.68 9.50 2.41
CA ASN A 76 18.95 9.53 1.71
C ASN A 76 19.69 8.19 1.86
N LEU A 77 19.46 7.51 2.99
CA LEU A 77 20.08 6.23 3.27
C LEU A 77 19.28 5.06 2.71
N GLY A 78 18.17 5.34 2.02
CA GLY A 78 17.40 4.30 1.34
C GLY A 78 16.44 3.53 2.26
N VAL A 79 16.10 4.09 3.43
CA VAL A 79 15.24 3.39 4.38
C VAL A 79 13.82 3.26 3.79
N ASP A 80 13.29 2.03 3.84
CA ASP A 80 11.96 1.74 3.29
C ASP A 80 10.90 1.61 4.39
N ILE A 81 11.31 1.27 5.61
CA ILE A 81 10.40 0.78 6.63
C ILE A 81 11.17 0.75 7.94
N ALA A 82 10.45 0.85 9.07
CA ALA A 82 11.07 0.84 10.39
C ALA A 82 10.66 -0.42 11.14
N ALA A 83 11.60 -0.95 11.95
CA ALA A 83 11.30 -2.09 12.81
C ALA A 83 10.59 -1.63 14.09
N ASN A 84 9.30 -1.97 14.21
CA ASN A 84 8.59 -1.92 15.48
C ASN A 84 8.45 -0.48 16.00
N THR A 85 8.36 0.48 15.09
CA THR A 85 8.07 1.86 15.45
C THR A 85 7.48 2.54 14.22
N VAL A 86 7.00 3.78 14.41
CA VAL A 86 6.56 4.65 13.34
C VAL A 86 7.39 5.93 13.41
N ILE A 87 8.07 6.27 12.30
CA ILE A 87 8.70 7.56 12.16
C ILE A 87 7.66 8.50 11.55
N TRP A 88 7.17 9.46 12.34
CA TRP A 88 6.16 10.38 11.85
C TRP A 88 6.87 11.52 11.14
N ASP A 89 6.44 11.80 9.91
CA ASP A 89 7.02 12.89 9.12
C ASP A 89 6.20 14.16 9.36
N TYR A 90 6.75 15.07 10.16
CA TYR A 90 6.05 16.26 10.58
C TYR A 90 6.02 17.30 9.45
N LYS A 91 6.87 17.15 8.43
CA LYS A 91 6.82 18.04 7.28
C LYS A 91 5.62 17.70 6.39
N ARG A 92 5.24 16.42 6.32
CA ARG A 92 4.14 15.98 5.49
C ARG A 92 2.89 15.71 6.31
N ASP A 93 3.01 15.75 7.65
CA ASP A 93 1.94 15.34 8.57
C ASP A 93 1.43 13.96 8.19
N ALA A 94 2.37 13.01 8.03
CA ALA A 94 2.07 11.67 7.59
C ALA A 94 3.18 10.73 8.01
N PRO A 95 2.95 9.41 8.01
CA PRO A 95 4.02 8.46 8.28
C PRO A 95 5.13 8.60 7.25
N ALA A 96 6.39 8.46 7.68
CA ALA A 96 7.52 8.51 6.77
C ALA A 96 7.52 7.31 5.83
N HIS A 97 6.97 6.18 6.31
CA HIS A 97 6.97 4.92 5.59
C HIS A 97 5.53 4.42 5.48
N ILE A 98 5.18 3.84 4.34
CA ILE A 98 3.81 3.43 4.04
C ILE A 98 3.45 2.13 4.76
N SER A 99 4.42 1.23 4.98
CA SER A 99 4.16 -0.02 5.68
C SER A 99 4.82 -0.02 7.06
N THR A 100 4.42 -0.98 7.89
CA THR A 100 4.97 -1.10 9.23
C THR A 100 5.33 -2.55 9.52
N ILE A 101 6.08 -2.71 10.60
CA ILE A 101 6.44 -4.00 11.17
C ILE A 101 6.11 -3.96 12.66
N GLY A 102 5.16 -4.81 13.07
CA GLY A 102 4.75 -4.96 14.45
C GLY A 102 4.11 -3.71 15.06
N VAL A 103 3.37 -2.92 14.28
CA VAL A 103 2.78 -1.69 14.78
C VAL A 103 1.25 -1.71 14.70
N CYS A 104 0.71 -2.03 13.52
CA CYS A 104 -0.68 -1.76 13.20
C CYS A 104 -1.18 -2.84 12.24
N SER A 105 -2.30 -3.49 12.60
CA SER A 105 -2.79 -4.64 11.82
C SER A 105 -3.12 -4.24 10.38
N MET A 106 -3.44 -2.97 10.14
CA MET A 106 -3.85 -2.55 8.78
C MET A 106 -2.63 -2.22 7.88
N THR A 107 -1.51 -1.83 8.48
CA THR A 107 -0.34 -1.46 7.68
C THR A 107 0.80 -2.48 7.81
N ASP A 108 0.74 -3.43 8.76
CA ASP A 108 1.87 -4.33 8.98
C ASP A 108 2.05 -5.27 7.79
N ILE A 109 3.29 -5.43 7.31
CA ILE A 109 3.60 -6.49 6.36
C ILE A 109 4.13 -7.71 7.10
N ALA A 110 4.48 -7.50 8.37
CA ALA A 110 5.14 -8.49 9.21
C ALA A 110 5.02 -8.04 10.66
N LYS A 111 5.17 -8.99 11.60
CA LYS A 111 5.21 -8.69 13.02
C LYS A 111 6.65 -8.48 13.48
N LYS A 112 7.59 -9.16 12.82
CA LYS A 112 9.00 -9.09 13.17
C LYS A 112 9.82 -8.83 11.90
N PRO A 113 10.91 -8.05 12.00
CA PRO A 113 11.70 -7.71 10.83
C PRO A 113 12.46 -8.90 10.22
N THR A 114 12.40 -10.07 10.86
CA THR A 114 13.11 -11.25 10.37
C THR A 114 12.27 -12.02 9.36
N GLU A 115 10.97 -11.69 9.21
CA GLU A 115 10.13 -12.39 8.27
C GLU A 115 10.64 -12.12 6.84
N THR A 116 10.48 -13.10 5.95
CA THR A 116 11.17 -13.08 4.67
C THR A 116 10.58 -11.99 3.77
N ILE A 117 9.37 -11.50 4.09
CA ILE A 117 8.79 -10.41 3.32
C ILE A 117 9.63 -9.15 3.46
N CYS A 118 10.38 -9.02 4.58
CA CYS A 118 11.17 -7.83 4.84
C CYS A 118 12.53 -7.86 4.12
N ALA A 119 12.95 -9.01 3.61
CA ALA A 119 14.32 -9.19 3.17
C ALA A 119 14.74 -8.15 2.12
N PRO A 120 13.90 -7.85 1.10
CA PRO A 120 14.29 -6.89 0.08
C PRO A 120 14.22 -5.42 0.52
N LEU A 121 13.61 -5.13 1.69
CA LEU A 121 13.44 -3.77 2.16
C LEU A 121 14.62 -3.35 3.04
N THR A 122 15.01 -2.08 2.95
CA THR A 122 15.96 -1.52 3.91
C THR A 122 15.21 -1.12 5.17
N VAL A 123 15.43 -1.90 6.23
CA VAL A 123 14.73 -1.73 7.50
C VAL A 123 15.57 -0.84 8.42
N PHE A 124 14.91 0.14 9.06
CA PHE A 124 15.54 0.99 10.05
C PHE A 124 15.45 0.33 11.42
N PHE A 125 16.60 0.27 12.10
CA PHE A 125 16.75 -0.34 13.41
C PHE A 125 17.32 0.69 14.38
N ASP A 126 16.80 0.69 15.61
CA ASP A 126 17.17 1.66 16.63
C ASP A 126 17.89 0.93 17.75
N GLY A 127 19.21 1.12 17.82
CA GLY A 127 20.06 0.44 18.78
C GLY A 127 19.74 0.77 20.23
N ARG A 128 18.93 1.82 20.47
CA ARG A 128 18.53 2.18 21.82
C ARG A 128 17.45 1.23 22.33
N VAL A 129 16.84 0.44 21.42
CA VAL A 129 15.84 -0.54 21.80
C VAL A 129 16.51 -1.92 21.89
N ASP A 130 16.28 -2.62 23.01
CA ASP A 130 16.86 -3.93 23.25
C ASP A 130 16.55 -4.85 22.08
N GLY A 131 17.58 -5.55 21.59
CA GLY A 131 17.40 -6.58 20.58
C GLY A 131 17.61 -6.07 19.15
N GLN A 132 17.56 -4.76 18.91
CA GLN A 132 17.53 -4.25 17.54
C GLN A 132 18.91 -4.30 16.87
N VAL A 133 20.00 -4.13 17.63
CA VAL A 133 21.34 -4.30 17.07
C VAL A 133 21.48 -5.71 16.49
N ASP A 134 21.02 -6.73 17.25
CA ASP A 134 21.10 -8.12 16.81
C ASP A 134 20.25 -8.34 15.57
N LEU A 135 19.09 -7.69 15.50
CA LEU A 135 18.20 -7.83 14.35
C LEU A 135 18.87 -7.24 13.10
N PHE A 136 19.57 -6.11 13.25
CA PHE A 136 20.34 -5.52 12.16
C PHE A 136 21.39 -6.51 11.65
N ARG A 137 22.07 -7.19 12.56
CA ARG A 137 23.10 -8.15 12.19
C ARG A 137 22.52 -9.31 11.36
N ASN A 138 21.26 -9.68 11.63
CA ASN A 138 20.63 -10.77 10.91
C ASN A 138 19.91 -10.28 9.64
N ALA A 139 19.70 -8.97 9.50
CA ALA A 139 18.94 -8.44 8.37
C ALA A 139 19.79 -8.38 7.09
N ARG A 140 19.13 -8.61 5.94
CA ARG A 140 19.78 -8.53 4.65
C ARG A 140 20.05 -7.08 4.28
N ASN A 141 19.05 -6.21 4.46
CA ASN A 141 19.12 -4.80 4.12
C ASN A 141 18.66 -3.98 5.33
N GLY A 142 19.47 -3.02 5.76
CA GLY A 142 19.10 -2.26 6.95
C GLY A 142 19.98 -1.03 7.20
N VAL A 143 19.44 -0.14 8.04
CA VAL A 143 20.19 0.98 8.60
C VAL A 143 19.99 0.96 10.12
N LEU A 144 21.09 1.17 10.85
CA LEU A 144 21.11 1.11 12.30
C LEU A 144 21.64 2.43 12.85
N ILE A 145 20.97 2.96 13.89
CA ILE A 145 21.56 4.02 14.69
C ILE A 145 21.83 3.48 16.10
N THR A 146 22.90 4.01 16.71
CA THR A 146 23.23 3.74 18.11
C THR A 146 23.74 5.03 18.73
N GLU A 147 23.84 5.02 20.06
CA GLU A 147 24.44 6.11 20.81
C GLU A 147 25.92 5.83 21.10
N GLY A 148 26.35 4.57 20.94
CA GLY A 148 27.73 4.19 21.25
C GLY A 148 28.26 3.12 20.29
N SER A 149 29.36 2.48 20.69
CA SER A 149 30.10 1.54 19.85
C SER A 149 29.32 0.25 19.67
N VAL A 150 29.44 -0.34 18.46
CA VAL A 150 28.95 -1.68 18.20
C VAL A 150 30.16 -2.55 17.86
N LYS A 151 30.36 -3.63 18.62
CA LYS A 151 31.56 -4.45 18.49
C LYS A 151 31.72 -4.90 17.04
N GLY A 152 32.87 -4.56 16.46
CA GLY A 152 33.25 -5.02 15.13
C GLY A 152 32.88 -4.02 14.03
N LEU A 153 31.87 -3.17 14.25
CA LEU A 153 31.36 -2.30 13.21
C LEU A 153 32.03 -0.92 13.32
N GLN A 154 32.57 -0.43 12.20
CA GLN A 154 33.03 0.94 12.12
C GLN A 154 31.82 1.86 11.97
N PRO A 155 31.69 2.91 12.83
CA PRO A 155 30.58 3.85 12.74
C PRO A 155 30.81 4.97 11.73
N SER A 156 29.69 5.54 11.26
CA SER A 156 29.67 6.87 10.67
C SER A 156 28.99 7.82 11.65
N VAL A 157 29.68 8.91 12.03
CA VAL A 157 29.09 9.87 12.96
C VAL A 157 28.09 10.73 12.21
N GLY A 158 26.83 10.72 12.68
CA GLY A 158 25.75 11.39 11.99
C GLY A 158 25.67 12.87 12.33
N PRO A 159 24.58 13.57 11.91
CA PRO A 159 24.42 14.97 12.27
C PRO A 159 24.26 15.18 13.77
N LYS A 160 24.57 16.41 14.22
CA LYS A 160 24.43 16.78 15.61
C LYS A 160 22.96 16.78 16.02
N GLN A 161 22.07 17.10 15.07
CA GLN A 161 20.67 17.32 15.36
C GLN A 161 19.83 16.08 15.02
N ALA A 162 18.68 15.99 15.70
CA ALA A 162 17.67 14.99 15.45
C ALA A 162 16.29 15.64 15.64
N SER A 163 15.23 14.89 15.30
CA SER A 163 13.87 15.39 15.43
C SER A 163 13.22 14.77 16.67
N LEU A 164 12.71 15.63 17.56
CA LEU A 164 11.95 15.19 18.71
C LEU A 164 10.55 15.78 18.65
N ASN A 165 9.55 14.93 18.34
CA ASN A 165 8.18 15.35 18.21
C ASN A 165 8.07 16.52 17.22
N GLY A 166 8.83 16.43 16.12
CA GLY A 166 8.76 17.40 15.03
C GLY A 166 9.59 18.64 15.27
N VAL A 167 10.30 18.70 16.41
CA VAL A 167 11.21 19.79 16.71
C VAL A 167 12.62 19.30 16.40
N THR A 168 13.27 19.91 15.40
CA THR A 168 14.66 19.58 15.13
C THR A 168 15.54 20.33 16.13
N LEU A 169 16.41 19.60 16.83
CA LEU A 169 17.19 20.21 17.88
C LEU A 169 18.48 19.43 18.10
N ILE A 170 19.46 20.14 18.70
CA ILE A 170 20.68 19.55 19.20
C ILE A 170 20.48 19.35 20.71
N GLY A 171 20.44 18.09 21.12
CA GLY A 171 20.03 17.72 22.47
C GLY A 171 21.08 18.13 23.51
N GLU A 172 20.59 18.59 24.67
CA GLU A 172 21.40 18.83 25.85
C GLU A 172 20.96 17.91 26.98
N ALA A 173 19.64 17.80 27.18
CA ALA A 173 19.06 16.89 28.16
C ALA A 173 18.92 15.49 27.57
N VAL A 174 19.09 15.36 26.24
CA VAL A 174 18.96 14.08 25.55
C VAL A 174 19.99 14.04 24.43
N LYS A 175 20.40 12.83 24.01
CA LYS A 175 21.37 12.67 22.94
C LYS A 175 20.66 12.66 21.58
N THR A 176 21.18 13.44 20.62
CA THR A 176 20.61 13.51 19.28
C THR A 176 21.64 13.19 18.20
N GLN A 177 22.91 13.00 18.55
CA GLN A 177 23.92 12.62 17.57
C GLN A 177 24.11 11.11 17.62
N PHE A 178 23.82 10.43 16.51
CA PHE A 178 23.89 8.98 16.47
C PHE A 178 25.10 8.54 15.64
N ASN A 179 25.55 7.31 15.92
CA ASN A 179 26.34 6.52 14.99
C ASN A 179 25.41 5.84 13.98
N TYR A 180 25.82 5.82 12.71
CA TYR A 180 25.07 5.18 11.63
C TYR A 180 25.85 4.00 11.08
N TYR A 181 25.10 2.95 10.70
CA TYR A 181 25.61 1.77 10.01
C TYR A 181 24.58 1.36 8.96
N LYS A 182 25.06 0.72 7.88
CA LYS A 182 24.18 0.32 6.79
C LYS A 182 24.64 -1.01 6.19
N LYS A 183 23.64 -1.84 5.83
CA LYS A 183 23.89 -3.13 5.21
C LYS A 183 23.08 -3.20 3.92
N VAL A 184 23.73 -3.73 2.86
CA VAL A 184 23.10 -3.95 1.57
C VAL A 184 23.38 -5.40 1.16
N ASP A 185 22.31 -6.14 0.82
CA ASP A 185 22.42 -7.54 0.41
C ASP A 185 23.32 -8.31 1.37
N GLY A 186 23.12 -8.10 2.68
CA GLY A 186 23.77 -8.86 3.72
C GLY A 186 25.20 -8.40 4.03
N VAL A 187 25.66 -7.34 3.37
CA VAL A 187 27.03 -6.87 3.51
C VAL A 187 27.02 -5.47 4.11
N VAL A 188 27.79 -5.29 5.18
CA VAL A 188 27.94 -4.00 5.83
C VAL A 188 28.68 -3.06 4.87
N GLN A 189 28.19 -1.84 4.75
CA GLN A 189 28.74 -0.83 3.86
C GLN A 189 29.62 0.16 4.64
N GLN A 190 30.61 0.72 3.95
CA GLN A 190 31.30 1.91 4.40
C GLN A 190 30.52 3.11 3.89
N LEU A 191 29.94 3.90 4.81
CA LEU A 191 29.20 5.10 4.43
C LEU A 191 30.19 6.17 4.01
N PRO A 192 29.84 7.03 3.03
CA PRO A 192 30.76 8.05 2.54
C PRO A 192 30.95 9.18 3.56
N GLU A 193 32.11 9.84 3.46
CA GLU A 193 32.31 11.15 4.03
C GLU A 193 31.22 12.10 3.55
N THR A 194 30.67 12.92 4.44
CA THR A 194 29.55 13.76 4.05
C THR A 194 29.57 15.06 4.85
N TYR A 195 29.09 16.13 4.21
CA TYR A 195 28.64 17.30 4.94
C TYR A 195 27.21 17.01 5.41
N PHE A 196 26.74 17.84 6.33
CA PHE A 196 25.36 17.76 6.83
C PHE A 196 24.73 19.13 6.71
N THR A 197 23.46 19.16 6.28
CA THR A 197 22.65 20.36 6.38
C THR A 197 22.33 20.63 7.85
N GLN A 198 21.99 21.88 8.15
CA GLN A 198 21.91 22.36 9.52
C GLN A 198 20.47 22.42 10.02
N SER A 199 19.50 22.29 9.11
CA SER A 199 18.08 22.16 9.42
C SER A 199 17.55 23.38 10.17
N ARG A 200 17.98 24.59 9.81
CA ARG A 200 17.49 25.78 10.48
C ARG A 200 16.27 26.32 9.73
N ASN A 201 15.58 27.29 10.34
CA ASN A 201 14.46 27.93 9.68
C ASN A 201 14.76 29.42 9.56
N LEU A 202 14.10 30.00 8.57
CA LEU A 202 14.39 31.34 8.07
C LEU A 202 14.33 32.37 9.19
N GLN A 203 13.30 32.26 10.04
CA GLN A 203 12.90 33.32 10.94
C GLN A 203 13.70 33.29 12.25
N GLU A 204 13.93 32.08 12.80
CA GLU A 204 14.66 31.96 14.06
C GLU A 204 16.02 31.31 13.80
N PHE A 205 16.77 31.87 12.85
CA PHE A 205 18.04 31.33 12.41
C PHE A 205 19.12 31.67 13.44
N LYS A 206 19.83 30.65 13.91
CA LYS A 206 20.91 30.84 14.86
C LYS A 206 22.24 30.51 14.19
N PRO A 207 23.23 31.43 14.17
CA PRO A 207 24.54 31.12 13.62
C PRO A 207 25.29 30.11 14.47
N ARG A 208 26.17 29.31 13.84
CA ARG A 208 26.85 28.22 14.53
C ARG A 208 28.36 28.30 14.30
N SER A 209 28.85 29.47 13.91
CA SER A 209 30.29 29.70 13.76
C SER A 209 30.53 31.20 13.78
N GLN A 210 31.79 31.58 13.97
CA GLN A 210 32.19 32.98 13.97
C GLN A 210 31.93 33.59 12.60
N MET A 211 32.17 32.80 11.53
CA MET A 211 31.97 33.26 10.17
C MET A 211 30.48 33.57 9.95
N GLU A 212 29.58 32.76 10.50
CA GLU A 212 28.14 32.99 10.34
C GLU A 212 27.72 34.25 11.10
N ILE A 213 28.28 34.45 12.31
CA ILE A 213 28.02 35.65 13.08
C ILE A 213 28.48 36.86 12.28
N ASP A 214 29.69 36.78 11.72
CA ASP A 214 30.25 37.85 10.90
C ASP A 214 29.33 38.14 9.72
N PHE A 215 28.89 37.09 9.01
CA PHE A 215 28.02 37.24 7.85
C PHE A 215 26.78 38.04 8.23
N LEU A 216 26.15 37.69 9.35
CA LEU A 216 24.90 38.31 9.78
C LEU A 216 25.12 39.76 10.21
N GLU A 217 26.27 40.05 10.84
CA GLU A 217 26.49 41.36 11.46
C GLU A 217 27.10 42.34 10.47
N LEU A 218 28.09 41.89 9.70
CA LEU A 218 28.84 42.79 8.82
C LEU A 218 28.03 43.06 7.55
N ALA A 219 28.33 44.20 6.92
CA ALA A 219 27.86 44.51 5.58
C ALA A 219 28.61 43.64 4.58
N MET A 220 28.03 43.51 3.37
CA MET A 220 28.48 42.58 2.35
C MET A 220 29.98 42.74 2.09
N ASP A 221 30.41 43.97 1.80
CA ASP A 221 31.76 44.21 1.28
C ASP A 221 32.83 43.88 2.32
N GLU A 222 32.56 44.18 3.60
CA GLU A 222 33.54 43.95 4.66
C GLU A 222 33.66 42.45 4.93
N PHE A 223 32.53 41.72 4.90
CA PHE A 223 32.55 40.29 5.11
C PHE A 223 33.44 39.65 4.05
N ILE A 224 33.20 40.02 2.78
CA ILE A 224 33.89 39.41 1.65
C ILE A 224 35.39 39.71 1.75
N GLU A 225 35.74 40.93 2.17
CA GLU A 225 37.12 41.32 2.37
C GLU A 225 37.77 40.43 3.43
N ARG A 226 37.15 40.37 4.62
CA ARG A 226 37.73 39.69 5.77
C ARG A 226 38.03 38.22 5.47
N TYR A 227 37.11 37.52 4.78
CA TYR A 227 37.28 36.09 4.53
C TYR A 227 37.86 35.86 3.14
N LYS A 228 38.30 36.95 2.49
CA LYS A 228 39.01 36.90 1.21
C LYS A 228 38.22 36.06 0.22
N LEU A 229 36.98 36.50 -0.07
CA LEU A 229 36.06 35.75 -0.89
C LEU A 229 35.83 36.45 -2.24
N GLU A 230 36.81 37.27 -2.67
CA GLU A 230 36.72 37.96 -3.95
C GLU A 230 36.80 36.94 -5.09
N GLY A 231 35.92 37.09 -6.08
CA GLY A 231 35.90 36.21 -7.25
C GLY A 231 35.02 34.97 -7.07
N TYR A 232 34.45 34.79 -5.89
CA TYR A 232 33.62 33.61 -5.63
C TYR A 232 32.12 33.95 -5.74
N ALA A 233 31.82 35.19 -6.14
CA ALA A 233 30.46 35.59 -6.48
C ALA A 233 29.50 35.38 -5.30
N PHE A 234 29.96 35.70 -4.09
CA PHE A 234 29.13 35.59 -2.90
C PHE A 234 27.98 36.61 -2.95
N GLU A 235 28.26 37.80 -3.50
CA GLU A 235 27.25 38.83 -3.66
C GLU A 235 26.02 38.27 -4.38
N HIS A 236 26.26 37.36 -5.34
CA HIS A 236 25.20 36.73 -6.10
C HIS A 236 24.64 35.53 -5.35
N ILE A 237 25.52 34.55 -5.06
CA ILE A 237 25.10 33.23 -4.64
C ILE A 237 24.44 33.27 -3.27
N VAL A 238 25.05 34.01 -2.33
CA VAL A 238 24.64 33.93 -0.94
C VAL A 238 23.72 35.11 -0.60
N TYR A 239 24.13 36.34 -0.95
CA TYR A 239 23.40 37.55 -0.58
C TYR A 239 22.16 37.70 -1.46
N GLY A 240 22.27 37.36 -2.74
CA GLY A 240 21.19 37.50 -3.70
C GLY A 240 21.22 38.85 -4.41
N ASP A 241 20.70 38.87 -5.64
CA ASP A 241 20.61 40.07 -6.45
C ASP A 241 19.13 40.33 -6.73
N PHE A 242 18.62 41.46 -6.22
CA PHE A 242 17.21 41.78 -6.28
C PHE A 242 16.98 42.93 -7.27
N SER A 243 17.96 43.20 -8.14
CA SER A 243 17.96 44.38 -8.98
C SER A 243 17.15 44.19 -10.26
N HIS A 244 16.93 42.93 -10.68
CA HIS A 244 16.20 42.64 -11.92
C HIS A 244 14.92 41.87 -11.59
N SER A 245 14.03 41.76 -12.60
CA SER A 245 12.75 41.09 -12.41
C SER A 245 12.97 39.64 -11.98
N GLN A 246 13.94 38.96 -12.59
CA GLN A 246 14.36 37.64 -12.12
C GLN A 246 15.37 37.79 -10.99
N LEU A 247 15.04 37.21 -9.82
CA LEU A 247 15.91 37.25 -8.65
C LEU A 247 17.14 36.39 -8.91
N GLY A 248 18.32 36.98 -8.74
CA GLY A 248 19.57 36.26 -8.95
C GLY A 248 20.09 35.63 -7.65
N GLY A 249 20.54 34.37 -7.75
CA GLY A 249 21.25 33.70 -6.68
C GLY A 249 20.35 33.37 -5.49
N LEU A 250 20.88 33.61 -4.28
CA LEU A 250 20.20 33.40 -3.01
C LEU A 250 19.95 31.91 -2.78
N HIS A 251 21.05 31.14 -2.68
CA HIS A 251 20.96 29.68 -2.64
C HIS A 251 21.31 29.10 -1.27
N LEU A 252 21.73 29.95 -0.31
CA LEU A 252 22.10 29.49 1.02
C LEU A 252 21.09 30.06 2.01
N LEU A 253 20.62 29.21 2.93
CA LEU A 253 19.61 29.63 3.88
C LEU A 253 20.06 30.85 4.66
N ILE A 254 21.34 30.90 5.07
CA ILE A 254 21.80 32.02 5.88
C ILE A 254 21.58 33.35 5.15
N GLY A 255 21.76 33.36 3.82
CA GLY A 255 21.51 34.55 3.02
C GLY A 255 20.04 34.96 3.05
N LEU A 256 19.14 33.97 2.95
CA LEU A 256 17.72 34.20 3.07
C LEU A 256 17.39 34.79 4.45
N ALA A 257 18.02 34.24 5.50
CA ALA A 257 17.77 34.68 6.86
C ALA A 257 18.13 36.16 7.02
N LYS A 258 19.27 36.56 6.46
CA LYS A 258 19.74 37.93 6.57
C LYS A 258 18.76 38.87 5.87
N ARG A 259 18.38 38.52 4.64
CA ARG A 259 17.47 39.33 3.84
C ARG A 259 16.14 39.47 4.58
N PHE A 260 15.66 38.37 5.17
CA PHE A 260 14.34 38.33 5.77
C PHE A 260 14.25 39.31 6.94
N LYS A 261 15.32 39.39 7.73
CA LYS A 261 15.42 40.29 8.86
C LYS A 261 15.37 41.75 8.39
N GLU A 262 15.97 42.04 7.24
CA GLU A 262 16.00 43.38 6.67
C GLU A 262 14.66 43.72 6.02
N SER A 263 14.11 42.77 5.25
CA SER A 263 12.97 43.03 4.39
C SER A 263 12.23 41.73 4.08
N PRO A 264 10.97 41.57 4.53
CA PRO A 264 10.26 40.31 4.35
C PRO A 264 9.97 39.97 2.88
N PHE A 265 9.88 38.66 2.61
CA PHE A 265 9.55 38.17 1.28
C PHE A 265 8.72 36.91 1.44
N GLU A 266 8.11 36.48 0.34
CA GLU A 266 7.27 35.30 0.29
C GLU A 266 8.08 34.13 -0.24
N LEU A 267 7.96 32.97 0.43
CA LEU A 267 8.54 31.71 -0.01
C LEU A 267 7.41 30.71 -0.19
N GLU A 268 7.21 30.22 -1.42
CA GLU A 268 6.25 29.16 -1.64
C GLU A 268 6.99 27.82 -1.68
N ASP A 269 6.68 26.96 -0.70
CA ASP A 269 7.25 25.63 -0.59
C ASP A 269 6.37 24.67 -1.39
N PHE A 270 6.61 24.59 -2.70
CA PHE A 270 5.65 23.97 -3.61
C PHE A 270 5.79 22.45 -3.64
N ILE A 271 6.87 21.91 -3.06
CA ILE A 271 6.96 20.48 -2.80
C ILE A 271 7.24 20.32 -1.31
N PRO A 272 6.21 20.39 -0.43
CA PRO A 272 6.42 20.43 1.01
C PRO A 272 6.81 19.08 1.63
N MET A 273 8.09 18.75 1.58
CA MET A 273 8.60 17.52 2.16
C MET A 273 9.97 17.82 2.79
N ASP A 274 10.48 16.88 3.59
CA ASP A 274 11.82 17.03 4.13
C ASP A 274 12.81 16.63 3.03
N SER A 275 13.74 17.52 2.67
CA SER A 275 14.82 17.14 1.77
C SER A 275 16.06 18.01 1.95
N THR A 276 17.20 17.44 1.56
CA THR A 276 18.50 18.07 1.72
C THR A 276 18.50 19.41 0.97
N VAL A 277 17.98 19.41 -0.26
CA VAL A 277 17.84 20.62 -1.06
C VAL A 277 16.34 20.94 -1.16
N LYS A 278 15.99 22.23 -0.97
CA LYS A 278 14.61 22.69 -1.04
C LYS A 278 14.45 23.65 -2.22
N ASN A 279 13.30 23.59 -2.88
CA ASN A 279 13.01 24.45 -4.02
C ASN A 279 11.87 25.39 -3.60
N TYR A 280 12.06 26.70 -3.79
CA TYR A 280 11.03 27.66 -3.40
C TYR A 280 10.73 28.61 -4.54
N PHE A 281 9.46 29.01 -4.65
CA PHE A 281 9.08 30.14 -5.48
C PHE A 281 9.13 31.38 -4.58
N ILE A 282 10.07 32.28 -4.87
CA ILE A 282 10.31 33.43 -4.01
C ILE A 282 9.83 34.70 -4.70
N THR A 283 9.13 35.55 -3.93
CA THR A 283 8.74 36.89 -4.36
C THR A 283 9.21 37.89 -3.31
N ASP A 284 10.09 38.82 -3.72
CA ASP A 284 10.59 39.83 -2.81
C ASP A 284 9.61 41.01 -2.74
N ALA A 285 9.08 41.27 -1.54
CA ALA A 285 7.99 42.22 -1.37
C ALA A 285 8.48 43.65 -1.61
N GLN A 286 9.74 43.93 -1.28
CA GLN A 286 10.28 45.28 -1.40
C GLN A 286 10.50 45.65 -2.86
N THR A 287 11.08 44.73 -3.66
CA THR A 287 11.53 45.11 -5.00
C THR A 287 10.61 44.56 -6.09
N GLY A 288 9.94 43.43 -5.85
CA GLY A 288 9.18 42.75 -6.89
C GLY A 288 10.04 41.73 -7.66
N SER A 289 11.32 41.60 -7.26
CA SER A 289 12.18 40.59 -7.84
C SER A 289 11.67 39.21 -7.43
N SER A 290 11.62 38.27 -8.39
CA SER A 290 11.08 36.95 -8.11
C SER A 290 11.77 35.86 -8.93
N LYS A 291 11.58 34.60 -8.51
CA LYS A 291 12.13 33.45 -9.22
C LYS A 291 11.28 32.23 -8.90
N CYS A 292 10.84 31.50 -9.93
CA CYS A 292 9.91 30.39 -9.77
C CYS A 292 10.54 29.22 -9.02
N VAL A 293 11.80 28.92 -9.34
CA VAL A 293 12.52 27.82 -8.72
C VAL A 293 13.84 28.34 -8.17
N CYS A 294 13.85 28.60 -6.86
CA CYS A 294 15.05 29.03 -6.16
C CYS A 294 15.50 27.88 -5.27
N SER A 295 16.60 27.22 -5.66
CA SER A 295 17.14 26.10 -4.89
C SER A 295 17.90 26.63 -3.68
N VAL A 296 17.60 26.05 -2.51
CA VAL A 296 18.12 26.54 -1.26
C VAL A 296 18.62 25.35 -0.43
N ILE A 297 19.80 25.52 0.16
CA ILE A 297 20.37 24.53 1.04
C ILE A 297 20.87 25.22 2.31
N ASP A 298 20.69 24.59 3.46
CA ASP A 298 21.23 25.12 4.72
C ASP A 298 22.52 24.39 5.09
N LEU A 299 23.62 24.81 4.48
CA LEU A 299 24.95 24.39 4.89
C LEU A 299 25.49 25.43 5.87
N LEU A 300 26.22 24.97 6.87
CA LEU A 300 27.10 25.85 7.62
C LEU A 300 27.91 26.66 6.62
N LEU A 301 27.97 27.98 6.80
CA LEU A 301 28.61 28.84 5.82
C LEU A 301 30.06 28.40 5.57
N ASP A 302 30.75 27.97 6.64
CA ASP A 302 32.14 27.53 6.57
C ASP A 302 32.26 26.32 5.64
N ASP A 303 31.30 25.41 5.73
CA ASP A 303 31.23 24.25 4.84
C ASP A 303 31.04 24.71 3.40
N PHE A 304 30.12 25.65 3.18
CA PHE A 304 29.87 26.14 1.84
C PHE A 304 31.14 26.76 1.26
N VAL A 305 31.86 27.55 2.07
CA VAL A 305 33.08 28.21 1.64
C VAL A 305 34.15 27.17 1.27
N GLU A 306 34.26 26.12 2.08
CA GLU A 306 35.20 25.05 1.81
C GLU A 306 34.90 24.42 0.45
N ILE A 307 33.62 24.13 0.19
CA ILE A 307 33.18 23.49 -1.04
C ILE A 307 33.53 24.35 -2.26
N ILE A 308 33.18 25.64 -2.22
CA ILE A 308 33.35 26.49 -3.39
C ILE A 308 34.84 26.78 -3.62
N LYS A 309 35.63 26.81 -2.54
CA LYS A 309 37.06 27.07 -2.63
C LYS A 309 37.82 25.80 -3.03
N SER A 310 37.13 24.68 -3.16
CA SER A 310 37.77 23.42 -3.52
C SER A 310 37.47 23.03 -4.97
N GLN A 311 37.01 23.99 -5.79
CA GLN A 311 36.64 23.70 -7.16
C GLN A 311 37.63 24.34 -8.13
N ASP A 312 37.78 23.69 -9.29
CA ASP A 312 38.46 24.26 -10.44
C ASP A 312 37.51 25.24 -11.13
N LEU A 313 38.01 26.42 -11.47
CA LEU A 313 37.19 27.52 -11.97
C LEU A 313 37.52 27.85 -13.42
N SER A 314 38.04 26.87 -14.19
CA SER A 314 38.62 27.17 -15.49
C SER A 314 37.67 26.84 -16.64
N VAL A 315 36.44 26.38 -16.35
CA VAL A 315 35.50 26.02 -17.40
C VAL A 315 34.21 26.83 -17.22
N VAL A 316 33.54 27.11 -18.35
CA VAL A 316 32.30 27.87 -18.37
C VAL A 316 31.26 27.24 -17.44
N SER A 317 30.90 25.97 -17.69
CA SER A 317 29.88 25.31 -16.87
C SER A 317 30.25 23.85 -16.65
N LYS A 318 29.89 23.33 -15.47
CA LYS A 318 30.01 21.91 -15.17
C LYS A 318 29.24 21.56 -13.90
N VAL A 319 29.00 20.26 -13.75
CA VAL A 319 28.32 19.70 -12.60
C VAL A 319 29.37 19.39 -11.52
N VAL A 320 29.14 19.90 -10.31
CA VAL A 320 29.95 19.59 -9.13
C VAL A 320 29.11 18.68 -8.23
N LYS A 321 29.68 17.53 -7.85
CA LYS A 321 29.00 16.59 -6.97
C LYS A 321 29.53 16.75 -5.53
N VAL A 322 28.62 16.73 -4.55
CA VAL A 322 28.97 16.88 -3.15
C VAL A 322 28.12 15.94 -2.31
N THR A 323 28.76 15.12 -1.47
CA THR A 323 28.02 14.26 -0.56
C THR A 323 27.50 15.12 0.59
N ILE A 324 26.17 15.18 0.72
CA ILE A 324 25.53 15.95 1.78
C ILE A 324 24.40 15.09 2.32
N ASP A 325 24.34 14.97 3.66
CA ASP A 325 23.32 14.16 4.29
C ASP A 325 23.34 12.73 3.71
N TYR A 326 24.55 12.25 3.38
CA TYR A 326 24.79 10.90 2.88
C TYR A 326 24.37 10.73 1.42
N THR A 327 23.80 11.74 0.75
CA THR A 327 23.44 11.58 -0.65
C THR A 327 24.32 12.48 -1.53
N GLU A 328 24.40 12.14 -2.82
CA GLU A 328 25.14 12.92 -3.80
C GLU A 328 24.28 14.08 -4.30
N ILE A 329 24.65 15.31 -3.97
CA ILE A 329 23.96 16.50 -4.46
C ILE A 329 24.77 17.09 -5.61
N SER A 330 24.06 17.30 -6.74
CA SER A 330 24.64 17.94 -7.90
C SER A 330 24.47 19.45 -7.82
N PHE A 331 25.58 20.17 -8.00
CA PHE A 331 25.60 21.61 -8.11
C PHE A 331 26.03 21.98 -9.52
N MET A 332 25.48 23.07 -10.07
CA MET A 332 25.99 23.67 -11.27
C MET A 332 26.99 24.78 -10.89
N LEU A 333 28.19 24.70 -11.45
CA LEU A 333 29.18 25.76 -11.28
C LEU A 333 29.38 26.45 -12.62
N TRP A 334 29.10 27.77 -12.65
CA TRP A 334 29.32 28.60 -13.83
C TRP A 334 30.47 29.56 -13.54
N CYS A 335 31.47 29.58 -14.42
CA CYS A 335 32.64 30.42 -14.25
C CYS A 335 32.89 31.25 -15.51
N LYS A 336 33.74 32.26 -15.36
CA LYS A 336 34.14 33.14 -16.46
C LYS A 336 35.41 33.87 -16.03
N ASP A 337 36.48 33.70 -16.82
CA ASP A 337 37.74 34.41 -16.65
C ASP A 337 38.39 34.07 -15.30
N GLY A 338 38.19 32.84 -14.82
CA GLY A 338 38.85 32.36 -13.62
C GLY A 338 38.10 32.73 -12.34
N HIS A 339 36.92 33.36 -12.45
CA HIS A 339 36.10 33.63 -11.28
C HIS A 339 34.74 32.96 -11.44
N VAL A 340 34.04 32.78 -10.31
CA VAL A 340 32.72 32.16 -10.28
C VAL A 340 31.71 33.18 -10.79
N GLU A 341 30.71 32.71 -11.55
CA GLU A 341 29.54 33.52 -11.88
C GLU A 341 28.39 33.13 -10.94
N THR A 342 28.06 31.84 -10.91
CA THR A 342 27.11 31.33 -9.93
C THR A 342 27.40 29.87 -9.63
N PHE A 343 26.76 29.40 -8.56
CA PHE A 343 26.94 28.05 -8.04
C PHE A 343 25.67 27.73 -7.25
N TYR A 344 24.92 26.71 -7.68
CA TYR A 344 23.65 26.40 -7.06
C TYR A 344 23.37 24.90 -7.11
N PRO A 345 22.64 24.36 -6.10
CA PRO A 345 22.30 22.95 -6.09
C PRO A 345 21.10 22.65 -6.98
N LYS A 346 20.99 21.39 -7.41
CA LYS A 346 19.80 20.89 -8.08
C LYS A 346 19.09 19.94 -7.13
N LEU A 347 17.75 19.99 -7.10
CA LEU A 347 16.96 19.08 -6.29
C LEU A 347 16.80 17.76 -7.06
N HIS B 1 3.03 8.81 -22.91
CA HIS B 1 2.26 9.88 -22.20
C HIS B 1 1.01 9.26 -21.59
N MET B 2 1.21 8.57 -20.47
CA MET B 2 0.13 8.07 -19.63
C MET B 2 -0.43 9.24 -18.83
N SER B 3 -1.77 9.30 -18.72
CA SER B 3 -2.42 10.38 -18.01
C SER B 3 -3.88 10.06 -17.77
N LEU B 4 -4.45 10.77 -16.80
CA LEU B 4 -5.87 10.70 -16.49
C LEU B 4 -6.67 10.93 -17.77
N GLU B 5 -6.34 12.01 -18.49
CA GLU B 5 -7.09 12.42 -19.67
C GLU B 5 -6.95 11.39 -20.80
N ASN B 6 -5.80 10.72 -20.89
CA ASN B 6 -5.56 9.70 -21.90
C ASN B 6 -6.35 8.44 -21.56
N VAL B 7 -6.37 8.07 -20.28
CA VAL B 7 -7.16 6.93 -19.82
C VAL B 7 -8.64 7.19 -20.19
N ALA B 8 -9.13 8.39 -19.86
CA ALA B 8 -10.51 8.75 -20.18
C ALA B 8 -10.77 8.70 -21.68
N PHE B 9 -9.82 9.15 -22.50
CA PHE B 9 -9.99 9.11 -23.95
C PHE B 9 -10.19 7.66 -24.40
N ASN B 10 -9.37 6.75 -23.84
CA ASN B 10 -9.47 5.35 -24.20
C ASN B 10 -10.84 4.79 -23.80
N VAL B 11 -11.30 5.11 -22.58
CA VAL B 11 -12.57 4.60 -22.09
C VAL B 11 -13.70 5.06 -22.99
N VAL B 12 -13.70 6.37 -23.32
CA VAL B 12 -14.72 6.96 -24.18
C VAL B 12 -14.70 6.31 -25.58
N ASN B 13 -13.52 6.11 -26.16
CA ASN B 13 -13.43 5.73 -27.57
C ASN B 13 -13.33 4.22 -27.78
N LYS B 14 -12.82 3.48 -26.79
CA LYS B 14 -12.49 2.07 -26.99
C LYS B 14 -13.13 1.18 -25.94
N GLY B 15 -13.81 1.77 -24.95
CA GLY B 15 -14.54 1.03 -23.92
C GLY B 15 -13.67 0.57 -22.74
N HIS B 16 -12.34 0.76 -22.87
CA HIS B 16 -11.38 0.34 -21.87
C HIS B 16 -10.03 0.88 -22.36
N PHE B 17 -8.99 0.74 -21.55
CA PHE B 17 -7.67 1.19 -21.95
C PHE B 17 -7.14 0.27 -23.03
N ASP B 18 -6.75 0.86 -24.17
CA ASP B 18 -6.29 0.12 -25.33
C ASP B 18 -5.03 0.75 -25.94
N GLY B 19 -4.33 1.61 -25.18
CA GLY B 19 -3.05 2.16 -25.62
C GLY B 19 -3.16 3.17 -26.75
N GLN B 20 -4.35 3.74 -26.99
CA GLN B 20 -4.51 4.77 -28.01
C GLN B 20 -4.05 6.13 -27.47
N GLN B 21 -3.53 6.96 -28.38
CA GLN B 21 -3.15 8.33 -28.08
C GLN B 21 -4.39 9.20 -28.13
N GLY B 22 -4.40 10.25 -27.30
CA GLY B 22 -5.52 11.18 -27.27
C GLY B 22 -5.87 11.61 -25.84
N GLU B 23 -6.66 12.69 -25.74
CA GLU B 23 -7.06 13.22 -24.45
C GLU B 23 -8.48 13.74 -24.56
N VAL B 24 -9.26 13.58 -23.49
CA VAL B 24 -10.53 14.26 -23.36
C VAL B 24 -10.51 15.07 -22.06
N PRO B 25 -11.36 16.11 -21.93
CA PRO B 25 -11.49 16.85 -20.68
C PRO B 25 -12.15 16.02 -19.58
N VAL B 26 -11.59 16.10 -18.36
CA VAL B 26 -12.06 15.31 -17.23
C VAL B 26 -12.27 16.23 -16.02
N SER B 27 -13.31 15.90 -15.22
CA SER B 27 -13.58 16.52 -13.92
C SER B 27 -13.60 15.41 -12.88
N ILE B 28 -12.95 15.64 -11.74
CA ILE B 28 -13.03 14.73 -10.62
C ILE B 28 -13.75 15.42 -9.46
N ILE B 29 -14.83 14.81 -8.97
N ILE B 29 -14.71 14.71 -8.87
CA ILE B 29 -15.54 15.35 -7.82
CA ILE B 29 -15.51 15.18 -7.74
C ILE B 29 -15.82 14.19 -6.87
C ILE B 29 -16.42 14.04 -7.28
N ASN B 30 -15.30 14.31 -5.64
N ASN B 30 -16.67 13.98 -5.96
CA ASN B 30 -15.41 13.26 -4.65
CA ASN B 30 -17.58 13.03 -5.35
C ASN B 30 -14.79 12.00 -5.25
C ASN B 30 -17.12 11.59 -5.59
N ASN B 31 -15.61 10.98 -5.43
N ASN B 31 -15.79 11.40 -5.58
CA ASN B 31 -15.12 9.68 -5.84
CA ASN B 31 -15.13 10.11 -5.79
C ASN B 31 -15.58 9.38 -7.26
C ASN B 31 -15.59 9.51 -7.12
N THR B 32 -15.87 10.41 -8.08
CA THR B 32 -16.42 10.15 -9.40
C THR B 32 -15.58 10.86 -10.46
N VAL B 33 -15.36 10.17 -11.58
CA VAL B 33 -14.71 10.73 -12.76
C VAL B 33 -15.77 11.05 -13.81
N TYR B 34 -15.74 12.31 -14.30
CA TYR B 34 -16.60 12.77 -15.36
C TYR B 34 -15.77 13.23 -16.56
N THR B 35 -16.37 13.16 -17.74
CA THR B 35 -15.80 13.76 -18.94
C THR B 35 -16.83 14.69 -19.52
N LYS B 36 -16.34 15.74 -20.20
CA LYS B 36 -17.20 16.73 -20.82
C LYS B 36 -17.56 16.23 -22.22
N VAL B 37 -18.87 16.13 -22.46
CA VAL B 37 -19.42 15.80 -23.77
C VAL B 37 -20.44 16.87 -24.11
N ASP B 38 -20.13 17.68 -25.14
CA ASP B 38 -21.06 18.68 -25.65
C ASP B 38 -21.54 19.61 -24.53
N GLY B 39 -20.61 20.06 -23.69
CA GLY B 39 -20.88 21.09 -22.72
C GLY B 39 -21.40 20.57 -21.38
N VAL B 40 -21.59 19.25 -21.22
CA VAL B 40 -22.08 18.73 -19.95
C VAL B 40 -21.22 17.56 -19.50
N ASP B 41 -21.27 17.30 -18.19
CA ASP B 41 -20.48 16.29 -17.53
C ASP B 41 -21.21 14.95 -17.55
N VAL B 42 -20.48 13.93 -18.02
CA VAL B 42 -20.98 12.57 -18.06
C VAL B 42 -20.10 11.70 -17.19
N GLU B 43 -20.73 10.93 -16.30
CA GLU B 43 -20.00 10.02 -15.42
C GLU B 43 -19.36 8.87 -16.20
N LEU B 44 -18.06 8.66 -15.99
CA LEU B 44 -17.35 7.53 -16.55
C LEU B 44 -17.07 6.46 -15.48
N PHE B 45 -16.92 6.86 -14.22
CA PHE B 45 -16.48 5.92 -13.20
C PHE B 45 -16.84 6.41 -11.81
N GLU B 46 -17.43 5.52 -11.00
CA GLU B 46 -17.64 5.78 -9.59
C GLU B 46 -16.74 4.87 -8.77
N ASN B 47 -15.87 5.48 -7.98
CA ASN B 47 -14.87 4.75 -7.22
C ASN B 47 -15.54 4.11 -6.00
N LYS B 48 -15.47 2.78 -5.90
CA LYS B 48 -15.94 2.04 -4.74
C LYS B 48 -14.79 1.37 -4.02
N THR B 49 -13.55 1.68 -4.42
CA THR B 49 -12.35 1.03 -3.85
C THR B 49 -11.80 1.88 -2.72
N THR B 50 -10.75 1.38 -2.05
CA THR B 50 -10.02 2.14 -1.06
C THR B 50 -8.80 2.84 -1.65
N LEU B 51 -8.67 2.86 -2.99
CA LEU B 51 -7.63 3.61 -3.67
C LEU B 51 -8.11 5.02 -4.02
N PRO B 52 -7.20 5.97 -4.31
CA PRO B 52 -7.59 7.27 -4.85
C PRO B 52 -8.41 7.11 -6.13
N VAL B 53 -9.42 7.95 -6.31
CA VAL B 53 -10.36 7.87 -7.41
C VAL B 53 -9.66 7.74 -8.77
N ASN B 54 -8.64 8.55 -9.04
CA ASN B 54 -8.01 8.58 -10.36
C ASN B 54 -7.17 7.32 -10.60
N VAL B 55 -6.68 6.73 -9.52
CA VAL B 55 -5.88 5.51 -9.59
C VAL B 55 -6.79 4.30 -9.85
N ALA B 56 -7.86 4.18 -9.05
CA ALA B 56 -8.87 3.15 -9.24
C ALA B 56 -9.41 3.17 -10.67
N PHE B 57 -9.64 4.39 -11.19
CA PHE B 57 -10.13 4.57 -12.54
C PHE B 57 -9.19 3.92 -13.55
N GLU B 58 -7.90 4.19 -13.42
CA GLU B 58 -6.90 3.67 -14.35
C GLU B 58 -6.82 2.15 -14.25
N LEU B 59 -6.83 1.61 -13.02
CA LEU B 59 -6.76 0.17 -12.83
C LEU B 59 -7.97 -0.50 -13.48
N TRP B 60 -9.15 0.07 -13.26
CA TRP B 60 -10.35 -0.46 -13.88
C TRP B 60 -10.25 -0.40 -15.41
N ALA B 61 -9.80 0.73 -15.95
CA ALA B 61 -9.66 0.87 -17.39
C ALA B 61 -8.70 -0.19 -17.95
N LYS B 62 -7.69 -0.56 -17.15
CA LYS B 62 -6.67 -1.50 -17.59
C LYS B 62 -6.97 -2.93 -17.15
N ARG B 63 -8.22 -3.21 -16.78
CA ARG B 63 -8.62 -4.53 -16.32
C ARG B 63 -8.48 -5.54 -17.47
N ASN B 64 -8.20 -6.78 -17.10
CA ASN B 64 -8.12 -7.88 -18.04
C ASN B 64 -9.52 -8.14 -18.60
N ILE B 65 -9.66 -8.07 -19.93
CA ILE B 65 -10.95 -8.26 -20.57
C ILE B 65 -11.02 -9.62 -21.29
N LYS B 66 -10.09 -10.52 -20.96
CA LYS B 66 -10.15 -11.89 -21.43
C LYS B 66 -10.75 -12.73 -20.30
N PRO B 67 -11.21 -13.98 -20.56
CA PRO B 67 -11.58 -14.84 -19.46
C PRO B 67 -10.40 -15.02 -18.52
N VAL B 68 -10.64 -14.84 -17.21
CA VAL B 68 -9.61 -14.96 -16.21
C VAL B 68 -10.18 -15.81 -15.08
N PRO B 69 -9.32 -16.46 -14.27
CA PRO B 69 -9.78 -17.21 -13.11
C PRO B 69 -10.67 -16.38 -12.19
N GLU B 70 -11.70 -17.01 -11.62
CA GLU B 70 -12.46 -16.37 -10.57
C GLU B 70 -11.52 -16.05 -9.41
N VAL B 71 -11.81 -14.94 -8.73
CA VAL B 71 -10.96 -14.45 -7.66
C VAL B 71 -10.82 -15.48 -6.54
N LYS B 72 -11.88 -16.21 -6.22
CA LYS B 72 -11.81 -17.23 -5.17
C LYS B 72 -10.69 -18.24 -5.45
N ILE B 73 -10.49 -18.62 -6.72
CA ILE B 73 -9.42 -19.54 -7.10
C ILE B 73 -8.06 -18.90 -6.83
N LEU B 74 -7.87 -17.68 -7.33
CA LEU B 74 -6.61 -16.97 -7.15
C LEU B 74 -6.30 -16.80 -5.66
N ASN B 75 -7.30 -16.42 -4.86
CA ASN B 75 -7.11 -16.28 -3.42
C ASN B 75 -6.73 -17.61 -2.79
N ASN B 76 -7.40 -18.68 -3.18
CA ASN B 76 -7.16 -19.99 -2.61
C ASN B 76 -5.73 -20.47 -2.92
N LEU B 77 -5.19 -20.03 -4.05
CA LEU B 77 -3.85 -20.41 -4.48
C LEU B 77 -2.79 -19.46 -3.95
N GLY B 78 -3.19 -18.46 -3.15
CA GLY B 78 -2.27 -17.56 -2.47
C GLY B 78 -1.72 -16.43 -3.36
N VAL B 79 -2.43 -16.10 -4.44
CA VAL B 79 -1.94 -15.07 -5.36
C VAL B 79 -1.97 -13.70 -4.66
N ASP B 80 -0.85 -12.98 -4.76
CA ASP B 80 -0.67 -11.68 -4.11
C ASP B 80 -0.77 -10.52 -5.10
N ILE B 81 -0.47 -10.77 -6.38
CA ILE B 81 -0.21 -9.72 -7.34
C ILE B 81 -0.19 -10.35 -8.72
N ALA B 82 -0.50 -9.56 -9.76
CA ALA B 82 -0.50 -10.05 -11.14
C ALA B 82 0.63 -9.43 -11.95
N ALA B 83 1.19 -10.20 -12.88
CA ALA B 83 2.22 -9.70 -13.78
C ALA B 83 1.56 -8.99 -14.96
N ASN B 84 1.70 -7.66 -15.04
CA ASN B 84 1.43 -6.90 -16.26
C ASN B 84 -0.04 -6.96 -16.67
N THR B 85 -0.92 -7.08 -15.69
CA THR B 85 -2.36 -7.01 -15.91
C THR B 85 -3.01 -6.65 -14.58
N VAL B 86 -4.31 -6.37 -14.62
CA VAL B 86 -5.15 -6.14 -13.46
C VAL B 86 -6.30 -7.14 -13.53
N ILE B 87 -6.45 -7.94 -12.48
CA ILE B 87 -7.65 -8.76 -12.30
C ILE B 87 -8.66 -7.91 -11.53
N TRP B 88 -9.73 -7.50 -12.21
CA TRP B 88 -10.75 -6.68 -11.56
C TRP B 88 -11.72 -7.61 -10.83
N ASP B 89 -11.94 -7.33 -9.55
CA ASP B 89 -12.88 -8.12 -8.74
C ASP B 89 -14.26 -7.48 -8.81
N TYR B 90 -15.15 -8.10 -9.60
CA TYR B 90 -16.47 -7.54 -9.84
C TYR B 90 -17.40 -7.77 -8.64
N LYS B 91 -17.02 -8.67 -7.71
CA LYS B 91 -17.80 -8.85 -6.50
C LYS B 91 -17.55 -7.68 -5.53
N ARG B 92 -16.33 -7.11 -5.55
CA ARG B 92 -15.97 -6.03 -4.65
C ARG B 92 -15.98 -4.68 -5.38
N ASP B 93 -16.13 -4.69 -6.71
CA ASP B 93 -15.94 -3.51 -7.54
C ASP B 93 -14.61 -2.83 -7.22
N ALA B 94 -13.54 -3.64 -7.22
CA ALA B 94 -12.22 -3.18 -6.85
C ALA B 94 -11.17 -4.11 -7.46
N PRO B 95 -9.90 -3.69 -7.55
CA PRO B 95 -8.85 -4.61 -7.97
C PRO B 95 -8.74 -5.79 -7.03
N ALA B 96 -8.45 -6.97 -7.57
CA ALA B 96 -8.25 -8.15 -6.76
C ALA B 96 -7.02 -8.02 -5.88
N HIS B 97 -6.02 -7.28 -6.36
CA HIS B 97 -4.73 -7.11 -5.73
C HIS B 97 -4.45 -5.61 -5.58
N ILE B 98 -3.83 -5.21 -4.48
CA ILE B 98 -3.65 -3.81 -4.17
C ILE B 98 -2.47 -3.21 -4.93
N SER B 99 -1.45 -4.01 -5.23
CA SER B 99 -0.30 -3.53 -5.98
C SER B 99 -0.28 -4.11 -7.39
N THR B 100 0.54 -3.51 -8.26
CA THR B 100 0.65 -3.95 -9.64
C THR B 100 2.11 -4.08 -10.06
N ILE B 101 2.31 -4.71 -11.22
CA ILE B 101 3.59 -4.83 -11.87
C ILE B 101 3.41 -4.43 -13.34
N GLY B 102 4.06 -3.33 -13.71
CA GLY B 102 4.05 -2.80 -15.08
C GLY B 102 2.69 -2.33 -15.55
N VAL B 103 1.85 -1.77 -14.67
CA VAL B 103 0.51 -1.35 -15.05
C VAL B 103 0.33 0.16 -14.85
N CYS B 104 0.66 0.66 -13.66
CA CYS B 104 0.22 1.97 -13.21
C CYS B 104 1.28 2.56 -12.29
N SER B 105 1.74 3.78 -12.60
CA SER B 105 2.86 4.38 -11.88
C SER B 105 2.55 4.56 -10.39
N MET B 106 1.26 4.69 -10.01
CA MET B 106 0.94 4.92 -8.61
C MET B 106 0.91 3.61 -7.82
N THR B 107 0.57 2.47 -8.45
CA THR B 107 0.43 1.22 -7.71
C THR B 107 1.58 0.25 -8.00
N ASP B 108 2.42 0.49 -9.00
CA ASP B 108 3.46 -0.46 -9.38
C ASP B 108 4.51 -0.58 -8.29
N ILE B 109 4.88 -1.81 -7.91
CA ILE B 109 6.03 -2.04 -7.04
C ILE B 109 7.25 -2.35 -7.90
N ALA B 110 7.00 -2.63 -9.19
CA ALA B 110 8.03 -3.01 -10.14
C ALA B 110 7.45 -2.82 -11.55
N LYS B 111 8.31 -2.78 -12.54
CA LYS B 111 7.86 -2.75 -13.90
C LYS B 111 7.88 -4.14 -14.51
N LYS B 112 8.74 -5.01 -14.01
CA LYS B 112 8.80 -6.38 -14.49
C LYS B 112 8.82 -7.33 -13.30
N PRO B 113 8.18 -8.51 -13.43
CA PRO B 113 8.07 -9.43 -12.30
C PRO B 113 9.39 -10.07 -11.87
N THR B 114 10.48 -9.81 -12.60
CA THR B 114 11.80 -10.35 -12.27
C THR B 114 12.52 -9.47 -11.24
N GLU B 115 12.01 -8.28 -10.92
CA GLU B 115 12.68 -7.42 -9.96
C GLU B 115 12.64 -8.10 -8.59
N THR B 116 13.65 -7.85 -7.75
CA THR B 116 13.83 -8.65 -6.55
C THR B 116 12.75 -8.31 -5.53
N ILE B 117 12.08 -7.17 -5.69
CA ILE B 117 10.99 -6.80 -4.80
C ILE B 117 9.84 -7.82 -4.95
N CYS B 118 9.72 -8.46 -6.11
CA CYS B 118 8.61 -9.37 -6.37
C CYS B 118 8.86 -10.77 -5.80
N ALA B 119 10.11 -11.08 -5.42
CA ALA B 119 10.49 -12.44 -5.12
C ALA B 119 9.61 -13.06 -4.03
N PRO B 120 9.31 -12.36 -2.91
CA PRO B 120 8.48 -12.95 -1.85
C PRO B 120 7.00 -13.06 -2.17
N LEU B 121 6.52 -12.41 -3.23
CA LEU B 121 5.09 -12.39 -3.55
C LEU B 121 4.74 -13.51 -4.52
N THR B 122 3.54 -14.10 -4.37
CA THR B 122 3.05 -15.06 -5.35
C THR B 122 2.43 -14.29 -6.51
N VAL B 123 3.15 -14.29 -7.64
CA VAL B 123 2.77 -13.51 -8.81
C VAL B 123 1.94 -14.39 -9.74
N PHE B 124 0.82 -13.86 -10.21
CA PHE B 124 -0.02 -14.51 -11.21
C PHE B 124 0.51 -14.20 -12.60
N PHE B 125 0.69 -15.28 -13.38
CA PHE B 125 1.19 -15.20 -14.75
C PHE B 125 0.17 -15.84 -15.68
N ASP B 126 -0.02 -15.21 -16.85
CA ASP B 126 -0.97 -15.68 -17.84
C ASP B 126 -0.24 -16.18 -19.08
N GLY B 127 -0.22 -17.52 -19.24
CA GLY B 127 0.52 -18.17 -20.29
C GLY B 127 0.02 -17.83 -21.70
N ARG B 128 -1.15 -17.20 -21.79
CA ARG B 128 -1.68 -16.77 -23.08
C ARG B 128 -0.94 -15.54 -23.60
N VAL B 129 -0.17 -14.88 -22.71
CA VAL B 129 0.59 -13.71 -23.08
C VAL B 129 2.04 -14.11 -23.31
N ASP B 130 2.60 -13.69 -24.45
CA ASP B 130 3.98 -13.96 -24.81
C ASP B 130 4.92 -13.61 -23.67
N GLY B 131 5.82 -14.55 -23.34
CA GLY B 131 6.86 -14.29 -22.37
C GLY B 131 6.51 -14.71 -20.94
N GLN B 132 5.23 -14.89 -20.61
CA GLN B 132 4.84 -15.05 -19.21
C GLN B 132 5.18 -16.45 -18.67
N VAL B 133 5.12 -17.49 -19.51
CA VAL B 133 5.53 -18.82 -19.04
C VAL B 133 6.99 -18.75 -18.60
N ASP B 134 7.86 -18.09 -19.39
CA ASP B 134 9.27 -17.97 -19.06
C ASP B 134 9.46 -17.19 -17.76
N LEU B 135 8.64 -16.15 -17.55
CA LEU B 135 8.73 -15.35 -16.33
C LEU B 135 8.36 -16.20 -15.12
N PHE B 136 7.35 -17.07 -15.25
CA PHE B 136 6.96 -17.99 -14.20
C PHE B 136 8.12 -18.91 -13.84
N ARG B 137 8.83 -19.42 -14.85
CA ARG B 137 9.97 -20.30 -14.64
C ARG B 137 11.07 -19.60 -13.83
N ASN B 138 11.24 -18.28 -14.02
CA ASN B 138 12.28 -17.54 -13.33
C ASN B 138 11.79 -16.98 -11.99
N ALA B 139 10.48 -16.98 -11.72
CA ALA B 139 9.92 -16.41 -10.51
C ALA B 139 10.08 -17.36 -9.31
N ARG B 140 10.32 -16.81 -8.12
CA ARG B 140 10.48 -17.62 -6.92
C ARG B 140 9.12 -18.15 -6.46
N ASN B 141 8.11 -17.27 -6.51
CA ASN B 141 6.75 -17.60 -6.09
C ASN B 141 5.77 -17.18 -7.18
N GLY B 142 4.87 -18.10 -7.58
CA GLY B 142 3.99 -17.78 -8.69
C GLY B 142 2.87 -18.78 -8.90
N VAL B 143 1.86 -18.31 -9.65
CA VAL B 143 0.80 -19.15 -10.18
C VAL B 143 0.68 -18.85 -11.67
N LEU B 144 0.60 -19.91 -12.48
CA LEU B 144 0.52 -19.81 -13.93
C LEU B 144 -0.75 -20.49 -14.42
N ILE B 145 -1.45 -19.83 -15.35
CA ILE B 145 -2.47 -20.51 -16.13
C ILE B 145 -2.04 -20.58 -17.60
N THR B 146 -2.46 -21.65 -18.28
CA THR B 146 -2.27 -21.81 -19.71
C THR B 146 -3.49 -22.50 -20.30
N GLU B 147 -3.60 -22.46 -21.63
CA GLU B 147 -4.64 -23.16 -22.36
C GLU B 147 -4.17 -24.55 -22.81
N GLY B 148 -2.86 -24.81 -22.77
CA GLY B 148 -2.32 -26.09 -23.22
C GLY B 148 -1.12 -26.50 -22.37
N SER B 149 -0.39 -27.53 -22.81
CA SER B 149 0.69 -28.08 -22.02
C SER B 149 1.90 -27.14 -22.04
N VAL B 150 2.65 -27.17 -20.94
CA VAL B 150 3.95 -26.55 -20.82
C VAL B 150 4.98 -27.66 -20.63
N LYS B 151 6.00 -27.67 -21.50
CA LYS B 151 6.91 -28.78 -21.54
C LYS B 151 7.56 -28.98 -20.17
N GLY B 152 7.40 -30.19 -19.62
CA GLY B 152 8.02 -30.59 -18.38
C GLY B 152 7.18 -30.31 -17.13
N LEU B 153 6.21 -29.38 -17.22
CA LEU B 153 5.46 -28.95 -16.04
C LEU B 153 4.17 -29.76 -15.94
N GLN B 154 3.96 -30.39 -14.77
CA GLN B 154 2.81 -31.25 -14.58
C GLN B 154 1.60 -30.35 -14.30
N PRO B 155 0.51 -30.43 -15.11
CA PRO B 155 -0.62 -29.53 -14.96
C PRO B 155 -1.63 -30.02 -13.93
N SER B 156 -2.38 -29.06 -13.38
CA SER B 156 -3.65 -29.31 -12.72
C SER B 156 -4.76 -28.73 -13.58
N VAL B 157 -5.76 -29.54 -13.95
CA VAL B 157 -6.87 -29.07 -14.74
C VAL B 157 -7.81 -28.25 -13.84
N GLY B 158 -8.03 -26.99 -14.20
CA GLY B 158 -8.80 -26.07 -13.36
C GLY B 158 -10.30 -26.20 -13.60
N PRO B 159 -11.11 -25.28 -13.03
CA PRO B 159 -12.55 -25.29 -13.26
C PRO B 159 -12.91 -25.08 -14.72
N LYS B 160 -14.11 -25.53 -15.09
CA LYS B 160 -14.62 -25.36 -16.44
C LYS B 160 -14.91 -23.89 -16.72
N GLN B 161 -15.29 -23.15 -15.67
CA GLN B 161 -15.76 -21.78 -15.81
C GLN B 161 -14.64 -20.78 -15.48
N ALA B 162 -14.77 -19.59 -16.07
CA ALA B 162 -13.92 -18.44 -15.77
C ALA B 162 -14.78 -17.18 -15.78
N SER B 163 -14.19 -16.04 -15.42
CA SER B 163 -14.88 -14.77 -15.41
C SER B 163 -14.47 -13.94 -16.63
N LEU B 164 -15.46 -13.50 -17.41
CA LEU B 164 -15.23 -12.59 -18.53
C LEU B 164 -15.99 -11.30 -18.29
N ASN B 165 -15.29 -10.21 -17.97
CA ASN B 165 -15.90 -8.93 -17.68
C ASN B 165 -16.99 -9.08 -16.61
N GLY B 166 -16.69 -9.89 -15.58
CA GLY B 166 -17.56 -10.05 -14.43
C GLY B 166 -18.68 -11.06 -14.66
N VAL B 167 -18.74 -11.67 -15.85
CA VAL B 167 -19.69 -12.72 -16.13
C VAL B 167 -18.98 -14.07 -15.98
N THR B 168 -19.40 -14.88 -15.01
CA THR B 168 -18.86 -16.24 -14.89
C THR B 168 -19.55 -17.12 -15.93
N LEU B 169 -18.75 -17.81 -16.75
CA LEU B 169 -19.30 -18.60 -17.83
C LEU B 169 -18.37 -19.74 -18.22
N ILE B 170 -18.96 -20.74 -18.86
CA ILE B 170 -18.24 -21.83 -19.49
C ILE B 170 -18.20 -21.51 -20.98
N GLY B 171 -16.99 -21.22 -21.48
CA GLY B 171 -16.81 -20.64 -22.79
C GLY B 171 -17.15 -21.61 -23.92
N GLU B 172 -17.76 -21.06 -24.99
CA GLU B 172 -17.99 -21.78 -26.22
C GLU B 172 -17.23 -21.08 -27.36
N ALA B 173 -17.33 -19.74 -27.41
CA ALA B 173 -16.59 -18.96 -28.37
C ALA B 173 -15.16 -18.69 -27.88
N VAL B 174 -14.92 -18.94 -26.59
CA VAL B 174 -13.62 -18.69 -25.96
C VAL B 174 -13.34 -19.84 -24.99
N LYS B 175 -12.06 -20.08 -24.68
CA LYS B 175 -11.65 -21.08 -23.71
C LYS B 175 -11.66 -20.50 -22.30
N THR B 176 -12.28 -21.21 -21.35
CA THR B 176 -12.32 -20.78 -19.96
C THR B 176 -11.76 -21.84 -19.01
N GLN B 177 -11.41 -23.04 -19.50
CA GLN B 177 -10.79 -24.04 -18.66
C GLN B 177 -9.28 -23.98 -18.84
N PHE B 178 -8.55 -23.69 -17.75
CA PHE B 178 -7.12 -23.53 -17.80
C PHE B 178 -6.42 -24.72 -17.14
N ASN B 179 -5.16 -24.94 -17.53
CA ASN B 179 -4.18 -25.63 -16.71
C ASN B 179 -3.60 -24.66 -15.67
N TYR B 180 -3.42 -25.17 -14.45
CA TYR B 180 -2.83 -24.41 -13.35
C TYR B 180 -1.49 -25.02 -12.94
N TYR B 181 -0.57 -24.13 -12.55
CA TYR B 181 0.72 -24.48 -11.97
C TYR B 181 1.03 -23.51 -10.84
N LYS B 182 1.81 -23.97 -9.85
CA LYS B 182 2.18 -23.13 -8.73
C LYS B 182 3.60 -23.43 -8.27
N LYS B 183 4.32 -22.36 -7.91
CA LYS B 183 5.67 -22.45 -7.38
C LYS B 183 5.73 -21.72 -6.03
N VAL B 184 6.43 -22.35 -5.07
CA VAL B 184 6.67 -21.77 -3.75
C VAL B 184 8.17 -21.87 -3.46
N ASP B 185 8.78 -20.73 -3.09
CA ASP B 185 10.19 -20.67 -2.78
C ASP B 185 11.02 -21.38 -3.84
N GLY B 186 10.70 -21.09 -5.10
CA GLY B 186 11.51 -21.53 -6.23
C GLY B 186 11.17 -22.95 -6.68
N VAL B 187 10.26 -23.63 -5.98
CA VAL B 187 10.01 -25.04 -6.22
C VAL B 187 8.56 -25.21 -6.69
N VAL B 188 8.39 -25.92 -7.82
CA VAL B 188 7.07 -26.23 -8.33
C VAL B 188 6.36 -27.14 -7.33
N GLN B 189 5.09 -26.83 -7.04
CA GLN B 189 4.29 -27.62 -6.13
C GLN B 189 3.33 -28.50 -6.92
N GLN B 190 3.06 -29.68 -6.35
CA GLN B 190 1.96 -30.54 -6.77
C GLN B 190 0.67 -29.98 -6.17
N LEU B 191 -0.25 -29.56 -7.04
CA LEU B 191 -1.54 -29.06 -6.59
C LEU B 191 -2.41 -30.25 -6.23
N PRO B 192 -3.24 -30.16 -5.17
CA PRO B 192 -4.00 -31.31 -4.69
C PRO B 192 -5.15 -31.64 -5.63
N GLU B 193 -5.60 -32.89 -5.62
CA GLU B 193 -6.87 -33.25 -6.22
C GLU B 193 -7.97 -32.46 -5.51
N THR B 194 -8.93 -31.95 -6.28
CA THR B 194 -9.89 -31.01 -5.72
C THR B 194 -11.23 -31.15 -6.44
N TYR B 195 -12.31 -30.91 -5.71
CA TYR B 195 -13.59 -30.56 -6.32
C TYR B 195 -13.54 -29.06 -6.66
N PHE B 196 -14.49 -28.63 -7.48
CA PHE B 196 -14.67 -27.21 -7.80
C PHE B 196 -16.12 -26.82 -7.53
N THR B 197 -16.31 -25.63 -6.94
CA THR B 197 -17.65 -25.05 -6.84
C THR B 197 -18.10 -24.61 -8.24
N GLN B 198 -19.42 -24.44 -8.38
CA GLN B 198 -20.05 -24.31 -9.68
C GLN B 198 -20.38 -22.86 -10.02
N SER B 199 -20.28 -21.95 -9.04
CA SER B 199 -20.38 -20.51 -9.25
C SER B 199 -21.74 -20.09 -9.81
N ARG B 200 -22.82 -20.73 -9.37
CA ARG B 200 -24.14 -20.37 -9.87
C ARG B 200 -24.75 -19.33 -8.92
N ASN B 201 -25.86 -18.73 -9.35
CA ASN B 201 -26.56 -17.78 -8.50
C ASN B 201 -27.98 -18.26 -8.28
N LEU B 202 -28.56 -17.77 -7.19
CA LEU B 202 -29.81 -18.28 -6.63
C LEU B 202 -30.93 -18.26 -7.66
N GLN B 203 -31.03 -17.15 -8.40
CA GLN B 203 -32.20 -16.83 -9.19
C GLN B 203 -32.17 -17.49 -10.56
N GLU B 204 -31.00 -17.51 -11.22
CA GLU B 204 -30.88 -18.10 -12.54
C GLU B 204 -30.06 -19.39 -12.47
N PHE B 205 -30.43 -20.27 -11.54
CA PHE B 205 -29.71 -21.51 -11.28
C PHE B 205 -30.05 -22.52 -12.36
N LYS B 206 -29.02 -23.06 -13.02
CA LYS B 206 -29.19 -24.08 -14.05
C LYS B 206 -28.59 -25.39 -13.54
N PRO B 207 -29.36 -26.50 -13.50
CA PRO B 207 -28.80 -27.79 -13.12
C PRO B 207 -27.80 -28.30 -14.15
N ARG B 208 -26.83 -29.11 -13.72
CA ARG B 208 -25.73 -29.55 -14.57
C ARG B 208 -25.55 -31.07 -14.49
N SER B 209 -26.60 -31.78 -14.08
CA SER B 209 -26.61 -33.23 -14.04
C SER B 209 -28.06 -33.69 -13.93
N GLN B 210 -28.28 -34.98 -14.19
CA GLN B 210 -29.60 -35.58 -14.09
C GLN B 210 -30.07 -35.51 -12.65
N MET B 211 -29.15 -35.72 -11.70
CA MET B 211 -29.47 -35.70 -10.29
C MET B 211 -29.97 -34.32 -9.88
N GLU B 212 -29.37 -33.26 -10.43
CA GLU B 212 -29.77 -31.90 -10.09
C GLU B 212 -31.15 -31.60 -10.68
N ILE B 213 -31.40 -32.07 -11.91
CA ILE B 213 -32.71 -31.93 -12.54
C ILE B 213 -33.75 -32.63 -11.66
N ASP B 214 -33.43 -33.86 -11.24
CA ASP B 214 -34.32 -34.64 -10.38
C ASP B 214 -34.60 -33.88 -9.09
N PHE B 215 -33.55 -33.36 -8.44
CA PHE B 215 -33.69 -32.62 -7.20
C PHE B 215 -34.69 -31.48 -7.36
N LEU B 216 -34.56 -30.72 -8.45
CA LEU B 216 -35.38 -29.54 -8.68
C LEU B 216 -36.83 -29.92 -8.98
N GLU B 217 -37.04 -31.04 -9.69
CA GLU B 217 -38.36 -31.41 -10.21
C GLU B 217 -39.14 -32.23 -9.20
N LEU B 218 -38.47 -33.23 -8.60
CA LEU B 218 -39.13 -34.16 -7.71
C LEU B 218 -39.39 -33.53 -6.35
N ALA B 219 -40.40 -34.05 -5.64
CA ALA B 219 -40.61 -33.73 -4.24
C ALA B 219 -39.55 -34.45 -3.40
N MET B 220 -39.41 -33.98 -2.16
CA MET B 220 -38.32 -34.38 -1.29
C MET B 220 -38.25 -35.90 -1.18
N ASP B 221 -39.37 -36.55 -0.84
CA ASP B 221 -39.39 -37.95 -0.47
C ASP B 221 -38.98 -38.85 -1.63
N GLU B 222 -39.44 -38.53 -2.85
CA GLU B 222 -39.16 -39.37 -4.00
C GLU B 222 -37.70 -39.22 -4.43
N PHE B 223 -37.16 -37.99 -4.34
CA PHE B 223 -35.76 -37.77 -4.66
C PHE B 223 -34.89 -38.65 -3.77
N ILE B 224 -35.16 -38.60 -2.45
CA ILE B 224 -34.36 -39.29 -1.45
C ILE B 224 -34.43 -40.79 -1.70
N GLU B 225 -35.64 -41.28 -2.06
CA GLU B 225 -35.84 -42.68 -2.36
C GLU B 225 -34.98 -43.09 -3.56
N ARG B 226 -35.13 -42.36 -4.67
CA ARG B 226 -34.51 -42.74 -5.93
C ARG B 226 -32.99 -42.85 -5.79
N TYR B 227 -32.36 -41.89 -5.09
CA TYR B 227 -30.90 -41.87 -4.98
C TYR B 227 -30.44 -42.55 -3.70
N LYS B 228 -31.39 -43.19 -2.99
CA LYS B 228 -31.13 -44.01 -1.82
C LYS B 228 -30.30 -43.21 -0.83
N LEU B 229 -30.87 -42.08 -0.38
CA LEU B 229 -30.17 -41.15 0.49
C LEU B 229 -30.80 -41.16 1.89
N GLU B 230 -31.43 -42.28 2.27
CA GLU B 230 -32.02 -42.40 3.59
C GLU B 230 -30.92 -42.39 4.65
N GLY B 231 -31.14 -41.60 5.71
CA GLY B 231 -30.20 -41.52 6.83
C GLY B 231 -29.10 -40.49 6.64
N TYR B 232 -29.12 -39.77 5.50
CA TYR B 232 -28.10 -38.75 5.23
C TYR B 232 -28.61 -37.35 5.54
N ALA B 233 -29.83 -37.25 6.08
CA ALA B 233 -30.37 -35.99 6.59
C ALA B 233 -30.40 -34.91 5.51
N PHE B 234 -30.76 -35.29 4.28
CA PHE B 234 -30.87 -34.34 3.18
C PHE B 234 -32.01 -33.35 3.44
N GLU B 235 -33.09 -33.82 4.07
CA GLU B 235 -34.22 -32.96 4.41
C GLU B 235 -33.74 -31.75 5.20
N HIS B 236 -32.72 -31.95 6.05
CA HIS B 236 -32.16 -30.88 6.86
C HIS B 236 -31.12 -30.11 6.05
N ILE B 237 -30.08 -30.82 5.60
CA ILE B 237 -28.86 -30.22 5.10
C ILE B 237 -29.12 -29.44 3.81
N VAL B 238 -29.87 -30.05 2.89
CA VAL B 238 -30.00 -29.51 1.54
C VAL B 238 -31.31 -28.73 1.39
N TYR B 239 -32.42 -29.34 1.81
CA TYR B 239 -33.75 -28.76 1.61
C TYR B 239 -34.00 -27.63 2.61
N GLY B 240 -33.51 -27.80 3.85
CA GLY B 240 -33.69 -26.82 4.91
C GLY B 240 -34.96 -27.08 5.73
N ASP B 241 -34.93 -26.65 6.99
CA ASP B 241 -36.05 -26.78 7.91
C ASP B 241 -36.49 -25.38 8.34
N PHE B 242 -37.72 -25.01 7.96
CA PHE B 242 -38.23 -23.66 8.17
C PHE B 242 -39.31 -23.67 9.26
N SER B 243 -39.35 -24.72 10.07
CA SER B 243 -40.46 -24.95 10.99
C SER B 243 -40.25 -24.22 12.31
N HIS B 244 -39.01 -23.87 12.66
CA HIS B 244 -38.71 -23.19 13.91
C HIS B 244 -38.16 -21.78 13.65
N SER B 245 -38.09 -20.97 14.71
CA SER B 245 -37.62 -19.59 14.59
C SER B 245 -36.21 -19.57 14.02
N GLN B 246 -35.35 -20.48 14.47
CA GLN B 246 -34.03 -20.67 13.87
C GLN B 246 -34.14 -21.61 12.67
N LEU B 247 -33.72 -21.14 11.49
CA LEU B 247 -33.74 -21.92 10.28
C LEU B 247 -32.68 -23.02 10.37
N GLY B 248 -33.10 -24.27 10.12
CA GLY B 248 -32.18 -25.40 10.15
C GLY B 248 -31.62 -25.74 8.76
N GLY B 249 -30.30 -26.02 8.72
CA GLY B 249 -29.66 -26.57 7.54
C GLY B 249 -29.54 -25.56 6.40
N LEU B 250 -29.84 -26.03 5.18
CA LEU B 250 -29.86 -25.22 3.96
C LEU B 250 -28.44 -24.78 3.59
N HIS B 251 -27.56 -25.74 3.32
CA HIS B 251 -26.14 -25.45 3.16
C HIS B 251 -25.67 -25.60 1.71
N LEU B 252 -26.53 -26.05 0.79
CA LEU B 252 -26.18 -26.21 -0.61
C LEU B 252 -26.97 -25.21 -1.44
N LEU B 253 -26.31 -24.55 -2.39
CA LEU B 253 -26.95 -23.52 -3.19
C LEU B 253 -28.20 -24.07 -3.89
N ILE B 254 -28.13 -25.30 -4.41
CA ILE B 254 -29.24 -25.88 -5.16
C ILE B 254 -30.50 -25.90 -4.28
N GLY B 255 -30.34 -26.19 -2.98
CA GLY B 255 -31.45 -26.18 -2.04
C GLY B 255 -32.07 -24.80 -1.89
N LEU B 256 -31.21 -23.78 -1.81
CA LEU B 256 -31.66 -22.39 -1.77
C LEU B 256 -32.44 -22.06 -3.04
N ALA B 257 -31.92 -22.51 -4.20
CA ALA B 257 -32.53 -22.22 -5.49
C ALA B 257 -33.94 -22.80 -5.56
N LYS B 258 -34.12 -24.03 -5.06
CA LYS B 258 -35.42 -24.70 -5.09
C LYS B 258 -36.41 -23.92 -4.24
N ARG B 259 -36.02 -23.58 -3.02
CA ARG B 259 -36.92 -22.87 -2.12
C ARG B 259 -37.27 -21.50 -2.68
N PHE B 260 -36.29 -20.85 -3.29
CA PHE B 260 -36.51 -19.49 -3.78
C PHE B 260 -37.60 -19.46 -4.85
N LYS B 261 -37.60 -20.48 -5.72
CA LYS B 261 -38.60 -20.63 -6.77
C LYS B 261 -39.99 -20.83 -6.17
N GLU B 262 -40.07 -21.55 -5.04
CA GLU B 262 -41.33 -21.83 -4.37
C GLU B 262 -41.79 -20.60 -3.58
N SER B 263 -40.86 -19.97 -2.85
CA SER B 263 -41.20 -18.94 -1.90
C SER B 263 -39.99 -18.03 -1.64
N PRO B 264 -40.06 -16.73 -1.99
CA PRO B 264 -38.91 -15.85 -1.86
C PRO B 264 -38.46 -15.63 -0.42
N PHE B 265 -37.17 -15.36 -0.25
CA PHE B 265 -36.58 -15.06 1.04
C PHE B 265 -35.47 -14.04 0.83
N GLU B 266 -35.00 -13.45 1.93
CA GLU B 266 -33.94 -12.47 1.91
C GLU B 266 -32.62 -13.14 2.28
N LEU B 267 -31.56 -12.81 1.51
CA LEU B 267 -30.19 -13.22 1.79
C LEU B 267 -29.35 -11.97 1.98
N GLU B 268 -28.77 -11.81 3.17
CA GLU B 268 -27.84 -10.72 3.39
C GLU B 268 -26.43 -11.26 3.27
N ASP B 269 -25.71 -10.77 2.24
CA ASP B 269 -24.32 -11.11 1.99
C ASP B 269 -23.45 -10.14 2.78
N PHE B 270 -23.22 -10.44 4.06
CA PHE B 270 -22.66 -9.46 4.99
C PHE B 270 -21.14 -9.39 4.89
N ILE B 271 -20.50 -10.33 4.17
CA ILE B 271 -19.11 -10.19 3.76
C ILE B 271 -19.05 -10.34 2.25
N PRO B 272 -19.38 -9.29 1.46
CA PRO B 272 -19.50 -9.40 0.01
C PRO B 272 -18.17 -9.52 -0.73
N MET B 273 -17.67 -10.75 -0.82
CA MET B 273 -16.45 -11.04 -1.56
C MET B 273 -16.61 -12.40 -2.23
N ASP B 274 -15.76 -12.72 -3.19
CA ASP B 274 -15.77 -14.04 -3.81
C ASP B 274 -15.11 -15.03 -2.85
N SER B 275 -15.82 -16.12 -2.48
CA SER B 275 -15.16 -17.21 -1.77
C SER B 275 -15.87 -18.54 -1.99
N THR B 276 -15.10 -19.62 -1.75
CA THR B 276 -15.56 -20.98 -1.96
C THR B 276 -16.80 -21.25 -1.10
N VAL B 277 -16.73 -20.84 0.17
CA VAL B 277 -17.86 -20.92 1.09
C VAL B 277 -18.36 -19.51 1.36
N LYS B 278 -19.68 -19.33 1.29
CA LYS B 278 -20.33 -18.05 1.53
C LYS B 278 -21.17 -18.11 2.79
N ASN B 279 -21.22 -17.00 3.53
CA ASN B 279 -22.02 -16.91 4.75
C ASN B 279 -23.13 -15.89 4.52
N TYR B 280 -24.39 -16.28 4.79
CA TYR B 280 -25.51 -15.38 4.58
C TYR B 280 -26.38 -15.30 5.83
N PHE B 281 -26.94 -14.11 6.06
CA PHE B 281 -28.01 -13.94 7.02
C PHE B 281 -29.31 -14.10 6.25
N ILE B 282 -30.06 -15.17 6.54
CA ILE B 282 -31.25 -15.51 5.78
C ILE B 282 -32.50 -15.24 6.62
N THR B 283 -33.51 -14.61 6.00
CA THR B 283 -34.84 -14.45 6.57
C THR B 283 -35.86 -14.99 5.58
N ASP B 284 -36.61 -16.02 5.99
CA ASP B 284 -37.65 -16.59 5.15
C ASP B 284 -38.93 -15.77 5.28
N ALA B 285 -39.39 -15.21 4.16
CA ALA B 285 -40.48 -14.25 4.15
C ALA B 285 -41.81 -14.93 4.48
N GLN B 286 -41.96 -16.21 4.08
CA GLN B 286 -43.20 -16.93 4.30
C GLN B 286 -43.38 -17.29 5.78
N THR B 287 -42.33 -17.78 6.44
CA THR B 287 -42.50 -18.38 7.75
C THR B 287 -41.94 -17.48 8.87
N GLY B 288 -40.94 -16.66 8.56
CA GLY B 288 -40.24 -15.89 9.59
C GLY B 288 -39.06 -16.67 10.18
N SER B 289 -38.81 -17.87 9.66
CA SER B 289 -37.63 -18.63 10.05
C SER B 289 -36.38 -17.89 9.58
N SER B 290 -35.37 -17.79 10.44
CA SER B 290 -34.17 -17.05 10.09
C SER B 290 -32.92 -17.65 10.77
N LYS B 291 -31.75 -17.25 10.26
CA LYS B 291 -30.47 -17.67 10.82
C LYS B 291 -29.42 -16.63 10.43
N CYS B 292 -28.63 -16.18 11.43
CA CYS B 292 -27.69 -15.08 11.23
C CYS B 292 -26.53 -15.50 10.32
N VAL B 293 -26.04 -16.73 10.52
CA VAL B 293 -24.91 -17.23 9.76
C VAL B 293 -25.28 -18.58 9.13
N CYS B 294 -25.66 -18.53 7.86
CA CYS B 294 -26.00 -19.73 7.11
C CYS B 294 -24.90 -19.97 6.09
N SER B 295 -24.09 -21.01 6.32
CA SER B 295 -22.98 -21.33 5.44
C SER B 295 -23.47 -22.06 4.21
N VAL B 296 -23.05 -21.59 3.02
CA VAL B 296 -23.59 -22.07 1.76
C VAL B 296 -22.44 -22.34 0.79
N ILE B 297 -22.51 -23.47 0.10
CA ILE B 297 -21.53 -23.82 -0.92
C ILE B 297 -22.29 -24.30 -2.16
N ASP B 298 -21.78 -23.93 -3.36
CA ASP B 298 -22.37 -24.42 -4.60
C ASP B 298 -21.50 -25.56 -5.14
N LEU B 299 -21.72 -26.76 -4.60
CA LEU B 299 -21.19 -27.98 -5.16
C LEU B 299 -22.23 -28.56 -6.10
N LEU B 300 -21.76 -29.13 -7.22
CA LEU B 300 -22.57 -30.09 -7.97
C LEU B 300 -23.14 -31.08 -6.97
N LEU B 301 -24.46 -31.33 -7.04
CA LEU B 301 -25.11 -32.16 -6.05
C LEU B 301 -24.46 -33.54 -6.00
N ASP B 302 -24.05 -34.06 -7.18
CA ASP B 302 -23.42 -35.37 -7.30
C ASP B 302 -22.13 -35.41 -6.49
N ASP B 303 -21.37 -34.32 -6.53
CA ASP B 303 -20.13 -34.20 -5.75
C ASP B 303 -20.46 -34.21 -4.27
N PHE B 304 -21.49 -33.45 -3.86
CA PHE B 304 -21.88 -33.39 -2.47
C PHE B 304 -22.28 -34.78 -1.99
N VAL B 305 -23.04 -35.52 -2.82
CA VAL B 305 -23.51 -36.85 -2.47
C VAL B 305 -22.33 -37.80 -2.30
N GLU B 306 -21.34 -37.70 -3.20
CA GLU B 306 -20.14 -38.54 -3.12
C GLU B 306 -19.45 -38.30 -1.78
N ILE B 307 -19.30 -37.01 -1.41
CA ILE B 307 -18.58 -36.63 -0.19
C ILE B 307 -19.29 -37.20 1.04
N ILE B 308 -20.61 -37.00 1.14
CA ILE B 308 -21.33 -37.38 2.35
C ILE B 308 -21.45 -38.90 2.43
N LYS B 309 -21.50 -39.59 1.27
CA LYS B 309 -21.61 -41.03 1.25
C LYS B 309 -20.25 -41.71 1.48
N SER B 310 -19.18 -40.91 1.59
CA SER B 310 -17.85 -41.46 1.79
C SER B 310 -17.37 -41.23 3.23
N GLN B 311 -18.31 -40.98 4.15
CA GLN B 311 -17.96 -40.73 5.54
C GLN B 311 -18.39 -41.90 6.42
N ASP B 312 -17.62 -42.12 7.48
CA ASP B 312 -18.00 -43.01 8.56
C ASP B 312 -18.98 -42.26 9.46
N LEU B 313 -20.09 -42.92 9.85
CA LEU B 313 -21.19 -42.27 10.54
C LEU B 313 -21.32 -42.79 11.98
N SER B 314 -20.23 -43.31 12.56
CA SER B 314 -20.29 -43.98 13.84
C SER B 314 -19.83 -43.07 14.99
N VAL B 315 -19.52 -41.80 14.70
CA VAL B 315 -19.05 -40.89 15.72
C VAL B 315 -19.99 -39.69 15.82
N VAL B 316 -20.17 -39.19 17.06
CA VAL B 316 -21.13 -38.13 17.35
C VAL B 316 -20.79 -36.89 16.50
N SER B 317 -19.56 -36.38 16.64
CA SER B 317 -19.13 -35.20 15.92
C SER B 317 -17.67 -35.33 15.49
N LYS B 318 -17.35 -34.74 14.33
CA LYS B 318 -16.07 -34.91 13.68
C LYS B 318 -15.89 -33.82 12.63
N VAL B 319 -14.64 -33.36 12.45
CA VAL B 319 -14.32 -32.44 11.38
C VAL B 319 -13.93 -33.26 10.15
N VAL B 320 -14.58 -32.98 9.01
CA VAL B 320 -14.28 -33.63 7.75
C VAL B 320 -13.62 -32.59 6.84
N LYS B 321 -12.43 -32.89 6.33
CA LYS B 321 -11.71 -31.97 5.45
C LYS B 321 -11.87 -32.40 3.99
N VAL B 322 -12.13 -31.42 3.11
CA VAL B 322 -12.39 -31.68 1.71
C VAL B 322 -11.69 -30.59 0.88
N THR B 323 -10.89 -31.01 -0.11
CA THR B 323 -10.25 -30.05 -0.98
C THR B 323 -11.27 -29.56 -2.00
N ILE B 324 -11.55 -28.26 -1.98
CA ILE B 324 -12.47 -27.63 -2.91
C ILE B 324 -11.83 -26.33 -3.39
N ASP B 325 -11.83 -26.10 -4.71
CA ASP B 325 -11.23 -24.90 -5.27
C ASP B 325 -9.78 -24.76 -4.78
N TYR B 326 -9.10 -25.90 -4.62
CA TYR B 326 -7.69 -25.98 -4.24
C TYR B 326 -7.46 -25.69 -2.75
N THR B 327 -8.50 -25.40 -1.97
CA THR B 327 -8.31 -25.10 -0.56
C THR B 327 -8.98 -26.20 0.26
N GLU B 328 -8.51 -26.34 1.51
CA GLU B 328 -9.07 -27.30 2.46
C GLU B 328 -10.28 -26.70 3.14
N ILE B 329 -11.47 -27.25 2.85
CA ILE B 329 -12.70 -26.82 3.51
C ILE B 329 -13.02 -27.81 4.62
N SER B 330 -13.22 -27.27 5.84
CA SER B 330 -13.62 -28.07 6.99
C SER B 330 -15.13 -28.13 7.07
N PHE B 331 -15.65 -29.35 7.16
CA PHE B 331 -17.06 -29.59 7.40
C PHE B 331 -17.22 -30.22 8.78
N MET B 332 -18.29 -29.85 9.48
CA MET B 332 -18.69 -30.55 10.69
C MET B 332 -19.71 -31.63 10.33
N LEU B 333 -19.43 -32.87 10.75
CA LEU B 333 -20.34 -33.99 10.57
C LEU B 333 -20.86 -34.41 11.94
N TRP B 334 -22.18 -34.30 12.13
CA TRP B 334 -22.84 -34.74 13.34
C TRP B 334 -23.69 -35.98 13.04
N CYS B 335 -23.48 -37.06 13.79
CA CYS B 335 -24.21 -38.30 13.58
C CYS B 335 -24.85 -38.78 14.88
N LYS B 336 -25.78 -39.73 14.74
CA LYS B 336 -26.49 -40.33 15.87
C LYS B 336 -27.18 -41.60 15.37
N ASP B 337 -26.88 -42.74 16.02
CA ASP B 337 -27.50 -44.02 15.74
C ASP B 337 -27.22 -44.49 14.31
N GLY B 338 -26.05 -44.12 13.78
CA GLY B 338 -25.60 -44.59 12.47
C GLY B 338 -26.16 -43.78 11.31
N HIS B 339 -26.85 -42.67 11.61
CA HIS B 339 -27.32 -41.77 10.57
C HIS B 339 -26.78 -40.36 10.81
N VAL B 340 -26.81 -39.54 9.76
CA VAL B 340 -26.38 -38.15 9.83
C VAL B 340 -27.46 -37.34 10.55
N GLU B 341 -27.02 -36.38 11.36
CA GLU B 341 -27.91 -35.35 11.90
C GLU B 341 -27.76 -34.08 11.06
N THR B 342 -26.53 -33.58 10.93
CA THR B 342 -26.25 -32.49 10.02
C THR B 342 -24.80 -32.55 9.55
N PHE B 343 -24.52 -31.77 8.51
CA PHE B 343 -23.24 -31.72 7.83
C PHE B 343 -23.15 -30.37 7.14
N TYR B 344 -22.20 -29.53 7.56
CA TYR B 344 -22.12 -28.18 7.02
C TYR B 344 -20.68 -27.72 6.96
N PRO B 345 -20.34 -26.87 5.97
CA PRO B 345 -19.01 -26.27 5.89
C PRO B 345 -18.84 -25.15 6.91
#